data_7ZT4
#
_entry.id   7ZT4
#
_cell.length_a   91.710
_cell.length_b   104.390
_cell.length_c   117.970
_cell.angle_alpha   90.00
_cell.angle_beta   90.00
_cell.angle_gamma   90.00
#
_symmetry.space_group_name_H-M   'P 21 21 21'
#
loop_
_entity.id
_entity.type
_entity.pdbx_description
1 polymer 'Major histocompatibility complex class I-related gene protein'
2 polymer Beta-2-microglobulin
3 polymer 'TCR alpha'
4 polymer 'TCR beta'
5 non-polymer 2-azanyl-6-methyl-3~{H}-pteridin-4-one
6 water water
#
loop_
_entity_poly.entity_id
_entity_poly.type
_entity_poly.pdbx_seq_one_letter_code
_entity_poly.pdbx_strand_id
1 'polypeptide(L)'
;MRTHSLRYFRLGVSDPIHGVPEFISVGYVDSHPITTYDSVTRQKEPRAPWMAENLAPDHWERYTQLLRGWQQMFKVELKR
LQRHYNHSGSHTYQRMIGCELLEDGSTTGFLQYAYDGQDFLIFNKDTLSWLAVDNVAHTIKQAWEANQHELLYQKNWLEE
ECIAWLKRFLEYGKDTLQRTEPPLVRVNRKETFPGVTALFCKAHGFYPPEIYMTWMKNGEEIVQEIDYGDILPSGDGTYQ
AWASIELDPQSSNLYSCHVEHSGVHMVLQVPGSGGGLNDIFEAQKIEWHE
;
A
2 'polypeptide(L)'
;MIQRTPKIQVYSRHPAENGKSNFLNCYVSGFHPSDIEVDLLKNGERIEKVEHSDLSFSKDWSFYLLYYTEFTPTEKDEYA
CRVNHVTLSQPKIVKWDRDM
;
B
3 'polypeptide(L)'
;MAGQNIDQPTEMTATEGAIVQINCTYQTSGFNGLFWYQQHAGEAPTFLSYNVLDGLEEKGRFSSFLSRSKGYSYLLLKEL
QMKDSASYLCAFLDSNYQLIWGAGTKLIIKPDIQNPDPAVYQLRDSKSSDKSVCLFTDFDSQTNVSQSKDSDVYITDKCV
LDMRSMDFKSNSAVAWSNKSDFACANAFNNSIIPEDTFFPSPESS
;
D
4 'polypeptide(L)'
;NAGVTQTPKFQVLKTGQSMTLQCAQDMNHNYMYWYRQDPGMGLRLIYYSASEGTTDKGEVPNGYNVSRSTTEDFPLRLLS
AAPSQTSVYFCASSNREYSPLHFGNGTRLTVTEDLNKVFPPEVAVFEPSEAEISHTQKATLVCLATGFYPDHVELSWWVN
GKEVHSGVCTDPQPLKEQPALNDSRYALSSRLRVSATFWQDPRNHFRCQVQFYGLSENDEWTQDRAKPVTQIVSAEAWGR
ADAAAGAAEQKLISEEDLNGAA
;
E
#
# COMPACT_ATOMS: atom_id res chain seq x y z
N MET A 1 -12.41 -27.62 -22.39
CA MET A 1 -11.40 -26.68 -22.94
C MET A 1 -12.09 -25.36 -23.32
N ARG A 2 -12.31 -24.47 -22.34
CA ARG A 2 -12.91 -23.11 -22.56
C ARG A 2 -12.17 -22.04 -21.76
N THR A 3 -12.31 -20.79 -22.20
CA THR A 3 -11.74 -19.56 -21.59
C THR A 3 -12.51 -19.22 -20.30
N HIS A 4 -11.78 -18.81 -19.27
CA HIS A 4 -12.34 -18.16 -18.06
C HIS A 4 -11.74 -16.77 -17.93
N SER A 5 -12.43 -15.89 -17.21
CA SER A 5 -12.06 -14.47 -17.00
C SER A 5 -12.43 -14.05 -15.58
N LEU A 6 -11.67 -13.10 -15.05
CA LEU A 6 -11.91 -12.34 -13.82
C LEU A 6 -11.87 -10.86 -14.20
N ARG A 7 -12.87 -10.12 -13.73
CA ARG A 7 -13.16 -8.71 -14.07
C ARG A 7 -13.59 -8.01 -12.79
N TYR A 8 -13.04 -6.83 -12.50
CA TYR A 8 -13.56 -5.91 -11.45
C TYR A 8 -13.97 -4.61 -12.14
N PHE A 9 -15.23 -4.20 -11.96
CA PHE A 9 -15.81 -2.94 -12.51
C PHE A 9 -15.90 -1.93 -11.36
N ARG A 10 -15.89 -0.67 -11.78
CA ARG A 10 -16.07 0.44 -10.85
C ARG A 10 -16.99 1.46 -11.54
N LEU A 11 -18.05 1.88 -10.89
CA LEU A 11 -18.94 2.98 -11.37
C LEU A 11 -18.94 4.07 -10.30
N GLY A 12 -18.49 5.28 -10.65
CA GLY A 12 -18.70 6.51 -9.89
C GLY A 12 -19.70 7.42 -10.60
N VAL A 13 -20.62 8.01 -9.84
CA VAL A 13 -21.65 8.99 -10.32
C VAL A 13 -21.46 10.26 -9.48
N SER A 14 -21.21 11.40 -10.12
CA SER A 14 -21.20 12.74 -9.47
C SER A 14 -22.64 13.25 -9.30
N ASP A 15 -22.92 13.86 -8.15
CA ASP A 15 -24.27 14.41 -7.81
C ASP A 15 -25.35 13.39 -8.08
N PRO A 16 -25.29 12.19 -7.47
CA PRO A 16 -26.35 11.20 -7.65
C PRO A 16 -27.64 11.64 -6.93
N ILE A 17 -28.78 11.57 -7.62
CA ILE A 17 -30.12 11.72 -6.96
C ILE A 17 -30.16 10.74 -5.78
N HIS A 18 -30.73 11.18 -4.65
CA HIS A 18 -30.66 10.58 -3.29
C HIS A 18 -30.68 9.04 -3.31
N GLY A 19 -31.42 8.42 -4.25
CA GLY A 19 -31.55 6.95 -4.37
C GLY A 19 -30.51 6.27 -5.27
N VAL A 20 -29.27 6.76 -5.38
CA VAL A 20 -28.24 6.16 -6.30
C VAL A 20 -26.87 6.27 -5.63
N PRO A 21 -26.22 5.13 -5.31
CA PRO A 21 -24.84 5.15 -4.82
C PRO A 21 -23.92 6.05 -5.65
N GLU A 22 -23.08 6.87 -4.99
CA GLU A 22 -22.04 7.66 -5.68
C GLU A 22 -21.00 6.68 -6.25
N PHE A 23 -20.95 5.44 -5.74
CA PHE A 23 -19.90 4.47 -6.13
C PHE A 23 -20.33 2.99 -5.91
N ILE A 24 -20.14 2.18 -6.96
CA ILE A 24 -20.39 0.70 -7.01
C ILE A 24 -19.15 0.03 -7.62
N SER A 25 -18.73 -1.12 -7.08
CA SER A 25 -17.64 -1.99 -7.58
C SER A 25 -18.10 -3.45 -7.49
N VAL A 26 -18.08 -4.16 -8.61
CA VAL A 26 -18.57 -5.58 -8.67
C VAL A 26 -17.49 -6.38 -9.42
N GLY A 27 -17.16 -7.56 -8.88
CA GLY A 27 -16.28 -8.55 -9.52
C GLY A 27 -17.12 -9.61 -10.22
N TYR A 28 -16.62 -10.11 -11.34
CA TYR A 28 -17.24 -11.24 -12.07
C TYR A 28 -16.17 -12.27 -12.40
N VAL A 29 -16.53 -13.55 -12.27
CA VAL A 29 -15.82 -14.68 -12.90
C VAL A 29 -16.74 -15.21 -14.00
N ASP A 30 -16.29 -15.13 -15.25
CA ASP A 30 -17.11 -15.37 -16.46
C ASP A 30 -18.33 -14.45 -16.35
N SER A 31 -19.54 -14.98 -16.45
CA SER A 31 -20.78 -14.16 -16.39
C SER A 31 -21.30 -14.10 -14.95
N HIS A 32 -20.70 -14.81 -13.99
CA HIS A 32 -21.16 -14.85 -12.57
C HIS A 32 -20.61 -13.66 -11.78
N PRO A 33 -21.47 -12.90 -11.06
CA PRO A 33 -21.00 -11.92 -10.09
C PRO A 33 -20.40 -12.64 -8.88
N ILE A 34 -19.19 -12.26 -8.43
CA ILE A 34 -18.53 -12.90 -7.26
C ILE A 34 -18.53 -11.93 -6.06
N THR A 35 -18.45 -10.62 -6.29
CA THR A 35 -18.23 -9.65 -5.20
C THR A 35 -18.94 -8.32 -5.51
N THR A 36 -19.34 -7.67 -4.41
CA THR A 36 -20.06 -6.37 -4.47
C THR A 36 -19.51 -5.47 -3.36
N TYR A 37 -19.52 -4.17 -3.66
CA TYR A 37 -19.23 -3.06 -2.73
C TYR A 37 -19.91 -1.81 -3.29
N ASP A 38 -20.41 -0.97 -2.40
CA ASP A 38 -20.92 0.37 -2.79
C ASP A 38 -20.61 1.35 -1.65
N SER A 39 -20.92 2.64 -1.99
CA SER A 39 -20.79 3.82 -1.06
C SER A 39 -21.93 3.82 -0.01
N VAL A 40 -22.98 2.97 -0.15
CA VAL A 40 -24.13 2.96 0.85
C VAL A 40 -23.82 1.93 1.98
N THR A 41 -23.40 0.71 1.56
CA THR A 41 -23.04 -0.39 2.50
C THR A 41 -21.65 -0.18 3.08
N ARG A 42 -20.73 0.45 2.32
CA ARG A 42 -19.29 0.57 2.64
C ARG A 42 -18.74 -0.79 3.10
N GLN A 43 -19.28 -1.90 2.56
CA GLN A 43 -18.87 -3.28 2.90
C GLN A 43 -18.62 -4.04 1.60
N LYS A 44 -17.48 -4.77 1.53
CA LYS A 44 -17.29 -5.74 0.43
C LYS A 44 -17.93 -7.03 0.89
N GLU A 45 -18.81 -7.58 0.04
CA GLU A 45 -19.56 -8.83 0.31
C GLU A 45 -19.55 -9.75 -0.92
N PRO A 46 -19.64 -11.07 -0.66
CA PRO A 46 -19.64 -12.07 -1.73
C PRO A 46 -21.05 -12.11 -2.36
N ARG A 47 -21.11 -12.29 -3.68
CA ARG A 47 -22.37 -12.39 -4.47
C ARG A 47 -22.54 -13.83 -4.97
N ALA A 48 -21.59 -14.71 -4.67
CA ALA A 48 -21.66 -16.16 -4.98
C ALA A 48 -21.38 -16.93 -3.70
N PRO A 49 -22.17 -17.99 -3.42
CA PRO A 49 -22.03 -18.74 -2.18
C PRO A 49 -20.70 -19.49 -2.07
N TRP A 50 -20.08 -19.83 -3.21
CA TRP A 50 -18.78 -20.57 -3.26
C TRP A 50 -17.61 -19.60 -2.96
N MET A 51 -17.82 -18.30 -3.13
CA MET A 51 -16.90 -17.24 -2.63
C MET A 51 -17.08 -17.12 -1.11
N ALA A 52 -18.33 -17.04 -0.64
CA ALA A 52 -18.71 -16.93 0.79
C ALA A 52 -18.08 -18.06 1.60
N GLU A 53 -18.12 -19.30 1.10
CA GLU A 53 -17.75 -20.49 1.90
C GLU A 53 -16.23 -20.66 1.94
N ASN A 54 -15.50 -20.00 1.03
CA ASN A 54 -14.07 -20.32 0.76
C ASN A 54 -13.13 -19.17 1.16
N LEU A 55 -13.64 -17.96 1.41
CA LEU A 55 -12.81 -16.81 1.87
C LEU A 55 -13.25 -16.42 3.28
N ALA A 56 -12.35 -16.56 4.26
CA ALA A 56 -12.58 -16.25 5.69
C ALA A 56 -12.95 -14.76 5.84
N PRO A 57 -13.48 -14.36 7.02
CA PRO A 57 -13.92 -12.98 7.23
C PRO A 57 -12.79 -11.95 6.96
N ASP A 58 -11.53 -12.30 7.23
CA ASP A 58 -10.39 -11.35 7.09
C ASP A 58 -10.30 -10.82 5.65
N HIS A 59 -10.60 -11.66 4.64
CA HIS A 59 -10.62 -11.24 3.22
C HIS A 59 -11.59 -10.05 3.06
N TRP A 60 -12.87 -10.24 3.42
CA TRP A 60 -13.92 -9.21 3.25
C TRP A 60 -13.56 -7.94 4.03
N GLU A 61 -12.98 -8.09 5.24
CA GLU A 61 -12.59 -6.97 6.15
C GLU A 61 -11.46 -6.17 5.51
N ARG A 62 -10.42 -6.86 5.05
CA ARG A 62 -9.26 -6.24 4.37
C ARG A 62 -9.75 -5.52 3.11
N TYR A 63 -10.50 -6.18 2.23
CA TYR A 63 -10.87 -5.60 0.91
C TYR A 63 -11.93 -4.50 1.10
N THR A 64 -12.67 -4.58 2.22
CA THR A 64 -13.58 -3.48 2.63
C THR A 64 -12.75 -2.20 2.78
N GLN A 65 -11.62 -2.28 3.48
CA GLN A 65 -10.77 -1.08 3.74
C GLN A 65 -10.20 -0.60 2.40
N LEU A 66 -9.66 -1.53 1.60
CA LEU A 66 -9.15 -1.22 0.25
C LEU A 66 -10.22 -0.50 -0.59
N LEU A 67 -11.48 -0.98 -0.56
CA LEU A 67 -12.59 -0.44 -1.40
C LEU A 67 -13.03 0.96 -0.93
N ARG A 68 -13.01 1.21 0.39
CA ARG A 68 -13.20 2.58 0.96
C ARG A 68 -12.09 3.49 0.40
N GLY A 69 -10.84 3.01 0.32
CA GLY A 69 -9.71 3.80 -0.24
C GLY A 69 -9.95 4.15 -1.73
N TRP A 70 -10.25 3.11 -2.52
CA TRP A 70 -10.51 3.23 -3.99
C TRP A 70 -11.79 4.07 -4.25
N GLN A 71 -12.78 4.01 -3.37
CA GLN A 71 -14.01 4.83 -3.53
C GLN A 71 -13.63 6.31 -3.51
N GLN A 72 -12.77 6.67 -2.53
CA GLN A 72 -12.32 8.07 -2.32
C GLN A 72 -11.49 8.52 -3.54
N MET A 73 -10.58 7.67 -4.01
CA MET A 73 -9.70 7.94 -5.18
C MET A 73 -10.55 8.17 -6.43
N PHE A 74 -11.58 7.32 -6.62
CA PHE A 74 -12.48 7.41 -7.80
C PHE A 74 -13.14 8.81 -7.79
N LYS A 75 -13.69 9.19 -6.63
CA LYS A 75 -14.45 10.46 -6.47
C LYS A 75 -13.57 11.64 -6.89
N VAL A 76 -12.30 11.60 -6.48
CA VAL A 76 -11.33 12.71 -6.76
C VAL A 76 -10.97 12.66 -8.26
N GLU A 77 -10.84 11.45 -8.81
CA GLU A 77 -10.51 11.27 -10.25
C GLU A 77 -11.62 11.88 -11.12
N LEU A 78 -12.88 11.59 -10.80
CA LEU A 78 -14.06 12.12 -11.54
C LEU A 78 -14.11 13.64 -11.47
N LYS A 79 -13.98 14.19 -10.24
CA LYS A 79 -14.06 15.64 -9.97
C LYS A 79 -13.07 16.37 -10.88
N ARG A 80 -11.82 15.88 -10.89
CA ARG A 80 -10.67 16.35 -11.71
C ARG A 80 -11.03 16.35 -13.21
N LEU A 81 -11.53 15.23 -13.73
CA LEU A 81 -11.94 15.12 -15.16
C LEU A 81 -12.99 16.18 -15.47
N GLN A 82 -14.03 16.28 -14.63
CA GLN A 82 -15.11 17.29 -14.75
C GLN A 82 -14.53 18.71 -14.74
N ARG A 83 -13.49 18.97 -13.93
CA ARG A 83 -12.75 20.26 -13.96
C ARG A 83 -12.15 20.43 -15.37
N HIS A 84 -11.46 19.39 -15.87
CA HIS A 84 -10.71 19.41 -17.15
C HIS A 84 -11.62 19.73 -18.34
N TYR A 85 -12.76 19.01 -18.44
CA TYR A 85 -13.81 19.17 -19.48
C TYR A 85 -14.66 20.42 -19.20
N ASN A 86 -14.59 20.93 -17.97
CA ASN A 86 -15.42 22.06 -17.49
C ASN A 86 -16.90 21.63 -17.56
N HIS A 87 -17.19 20.45 -17.03
CA HIS A 87 -18.55 19.87 -16.96
C HIS A 87 -19.13 20.11 -15.56
N SER A 88 -20.36 20.63 -15.52
CA SER A 88 -21.23 20.76 -14.32
C SER A 88 -22.23 19.61 -14.34
N GLY A 89 -22.98 19.42 -13.24
CA GLY A 89 -24.07 18.43 -13.17
C GLY A 89 -23.51 17.03 -13.01
N SER A 90 -24.33 16.00 -13.24
CA SER A 90 -24.00 14.57 -12.98
C SER A 90 -23.27 13.98 -14.20
N HIS A 91 -22.15 13.30 -13.95
CA HIS A 91 -21.36 12.56 -14.97
C HIS A 91 -20.92 11.22 -14.38
N THR A 92 -20.65 10.24 -15.24
CA THR A 92 -20.19 8.90 -14.80
C THR A 92 -18.70 8.74 -15.10
N TYR A 93 -18.05 7.92 -14.28
CA TYR A 93 -16.66 7.44 -14.48
C TYR A 93 -16.68 5.94 -14.25
N GLN A 94 -16.01 5.21 -15.12
CA GLN A 94 -16.04 3.74 -15.05
C GLN A 94 -14.65 3.19 -15.31
N ARG A 95 -14.43 2.05 -14.68
CA ARG A 95 -13.17 1.31 -14.94
C ARG A 95 -13.45 -0.18 -14.94
N MET A 96 -12.86 -0.89 -15.88
CA MET A 96 -12.85 -2.37 -15.91
C MET A 96 -11.40 -2.85 -15.93
N ILE A 97 -11.07 -3.75 -15.01
CA ILE A 97 -9.74 -4.44 -14.98
C ILE A 97 -10.00 -5.94 -14.94
N GLY A 98 -9.15 -6.72 -15.60
CA GLY A 98 -9.32 -8.18 -15.55
C GLY A 98 -8.29 -8.90 -16.38
N CYS A 99 -8.44 -10.23 -16.43
CA CYS A 99 -7.54 -11.15 -17.15
C CYS A 99 -8.34 -12.35 -17.66
N GLU A 100 -7.88 -12.94 -18.76
CA GLU A 100 -8.35 -14.24 -19.28
C GLU A 100 -7.27 -15.31 -19.10
N LEU A 101 -7.67 -16.51 -18.66
CA LEU A 101 -6.89 -17.76 -18.78
C LEU A 101 -7.51 -18.63 -19.87
N LEU A 102 -6.79 -18.83 -20.99
CA LEU A 102 -7.26 -19.67 -22.12
C LEU A 102 -6.86 -21.14 -21.90
N GLU A 103 -7.25 -22.02 -22.83
CA GLU A 103 -7.10 -23.50 -22.72
C GLU A 103 -5.60 -23.84 -22.86
N ASP A 104 -4.93 -23.30 -23.91
CA ASP A 104 -3.49 -23.54 -24.19
C ASP A 104 -2.62 -23.12 -22.99
N GLY A 105 -3.22 -22.42 -22.01
CA GLY A 105 -2.51 -21.95 -20.80
C GLY A 105 -2.09 -20.50 -20.94
N SER A 106 -2.32 -19.90 -22.11
CA SER A 106 -1.97 -18.48 -22.43
C SER A 106 -2.96 -17.55 -21.73
N THR A 107 -2.56 -16.28 -21.57
CA THR A 107 -3.25 -15.28 -20.71
C THR A 107 -3.41 -13.95 -21.44
N THR A 108 -4.39 -13.17 -21.03
CA THR A 108 -4.57 -11.74 -21.39
C THR A 108 -4.92 -10.96 -20.12
N GLY A 109 -4.67 -9.64 -20.19
CA GLY A 109 -4.99 -8.68 -19.14
C GLY A 109 -5.33 -7.34 -19.76
N PHE A 110 -6.20 -6.58 -19.11
CA PHE A 110 -6.74 -5.32 -19.65
C PHE A 110 -7.10 -4.39 -18.49
N LEU A 111 -7.14 -3.12 -18.81
CA LEU A 111 -7.54 -2.05 -17.87
C LEU A 111 -7.95 -0.90 -18.75
N GLN A 112 -9.19 -0.44 -18.60
CA GLN A 112 -9.70 0.71 -19.37
C GLN A 112 -10.61 1.55 -18.48
N TYR A 113 -10.82 2.78 -18.88
CA TYR A 113 -11.62 3.78 -18.14
C TYR A 113 -12.59 4.38 -19.14
N ALA A 114 -13.73 4.79 -18.65
CA ALA A 114 -14.78 5.47 -19.44
C ALA A 114 -15.37 6.65 -18.67
N TYR A 115 -15.57 7.73 -19.42
CA TYR A 115 -16.23 8.98 -18.96
C TYR A 115 -17.55 9.06 -19.73
N ASP A 116 -18.68 9.11 -19.02
CA ASP A 116 -20.05 9.13 -19.61
C ASP A 116 -20.21 7.94 -20.59
N GLY A 117 -19.77 6.76 -20.15
CA GLY A 117 -19.91 5.48 -20.87
C GLY A 117 -19.12 5.40 -22.17
N GLN A 118 -18.18 6.30 -22.42
CA GLN A 118 -17.34 6.29 -23.65
C GLN A 118 -15.87 6.03 -23.26
N ASP A 119 -15.20 5.20 -24.05
CA ASP A 119 -13.73 4.94 -24.00
C ASP A 119 -13.01 6.26 -23.70
N PHE A 120 -12.19 6.26 -22.65
CA PHE A 120 -11.38 7.43 -22.20
C PHE A 120 -9.89 7.08 -22.27
N LEU A 121 -9.46 6.02 -21.57
CA LEU A 121 -8.04 5.58 -21.50
C LEU A 121 -7.98 4.05 -21.52
N ILE A 122 -7.16 3.50 -22.42
CA ILE A 122 -6.95 2.02 -22.54
C ILE A 122 -5.47 1.74 -22.31
N PHE A 123 -5.19 0.80 -21.41
CA PHE A 123 -3.81 0.44 -20.97
C PHE A 123 -3.23 -0.59 -21.94
N ASN A 124 -1.97 -0.40 -22.34
CA ASN A 124 -1.19 -1.42 -23.06
C ASN A 124 -0.09 -1.89 -22.12
N LYS A 125 -0.17 -3.14 -21.64
CA LYS A 125 0.74 -3.69 -20.60
C LYS A 125 2.04 -4.23 -21.24
N ASP A 126 2.18 -4.13 -22.57
CA ASP A 126 3.35 -4.62 -23.35
C ASP A 126 4.22 -3.42 -23.72
N THR A 127 3.62 -2.35 -24.22
CA THR A 127 4.32 -1.07 -24.50
C THR A 127 4.30 -0.20 -23.24
N LEU A 128 3.66 -0.65 -22.15
CA LEU A 128 3.52 0.12 -20.88
C LEU A 128 3.06 1.54 -21.25
N SER A 129 1.96 1.66 -22.00
CA SER A 129 1.45 2.98 -22.43
C SER A 129 -0.08 3.02 -22.41
N TRP A 130 -0.59 4.25 -22.44
CA TRP A 130 -2.04 4.56 -22.36
C TRP A 130 -2.50 5.18 -23.69
N LEU A 131 -3.56 4.62 -24.27
CA LEU A 131 -4.23 5.18 -25.47
C LEU A 131 -5.27 6.18 -24.95
N ALA A 132 -5.10 7.47 -25.30
CA ALA A 132 -5.99 8.59 -24.93
C ALA A 132 -6.91 8.92 -26.11
N VAL A 133 -8.23 9.08 -25.88
CA VAL A 133 -9.25 9.31 -26.95
C VAL A 133 -9.27 10.78 -27.38
N ASP A 134 -9.00 11.72 -26.46
CA ASP A 134 -9.04 13.18 -26.73
C ASP A 134 -7.86 13.86 -26.04
N ASN A 135 -7.85 15.20 -26.07
CA ASN A 135 -6.81 16.08 -25.46
C ASN A 135 -6.83 15.93 -23.93
N VAL A 136 -8.00 15.81 -23.33
CA VAL A 136 -8.15 15.73 -21.85
C VAL A 136 -7.58 14.38 -21.36
N ALA A 137 -7.87 13.30 -22.08
CA ALA A 137 -7.34 11.94 -21.79
C ALA A 137 -5.81 11.94 -21.96
N HIS A 138 -5.29 12.64 -22.97
CA HIS A 138 -3.82 12.74 -23.23
C HIS A 138 -3.16 13.36 -22.00
N THR A 139 -3.78 14.39 -21.40
CA THR A 139 -3.25 15.07 -20.21
C THR A 139 -3.12 14.08 -19.05
N ILE A 140 -4.11 13.21 -18.82
CA ILE A 140 -4.04 12.19 -17.73
C ILE A 140 -3.01 11.13 -18.14
N LYS A 141 -2.98 10.77 -19.43
CA LYS A 141 -2.01 9.80 -19.99
C LYS A 141 -0.56 10.19 -19.64
N GLN A 142 -0.22 11.49 -19.68
CA GLN A 142 1.19 11.98 -19.47
C GLN A 142 1.55 11.83 -17.98
N ALA A 143 0.65 12.24 -17.08
CA ALA A 143 0.85 12.06 -15.62
C ALA A 143 1.06 10.57 -15.31
N TRP A 144 0.19 9.69 -15.81
CA TRP A 144 0.24 8.22 -15.55
C TRP A 144 1.53 7.61 -16.14
N GLU A 145 1.97 8.05 -17.32
CA GLU A 145 3.14 7.46 -18.01
C GLU A 145 4.45 7.95 -17.38
N ALA A 146 4.42 9.01 -16.57
CA ALA A 146 5.62 9.57 -15.89
C ALA A 146 5.94 8.78 -14.61
N ASN A 147 4.99 7.99 -14.11
CA ASN A 147 5.16 7.12 -12.91
C ASN A 147 5.49 5.70 -13.38
N GLN A 148 6.77 5.44 -13.65
CA GLN A 148 7.27 4.16 -14.21
C GLN A 148 6.90 3.01 -13.24
N HIS A 149 7.04 3.22 -11.93
CA HIS A 149 6.86 2.16 -10.89
C HIS A 149 5.40 1.68 -10.88
N GLU A 150 4.46 2.58 -11.19
CA GLU A 150 3.00 2.31 -11.21
C GLU A 150 2.63 1.50 -12.45
N LEU A 151 3.24 1.83 -13.60
CA LEU A 151 3.04 1.07 -14.86
C LEU A 151 3.52 -0.37 -14.63
N LEU A 152 4.66 -0.54 -13.98
CA LEU A 152 5.26 -1.87 -13.73
C LEU A 152 4.38 -2.60 -12.71
N TYR A 153 3.94 -1.92 -11.65
CA TYR A 153 2.99 -2.50 -10.69
C TYR A 153 1.80 -3.09 -11.47
N GLN A 154 1.29 -2.31 -12.41
CA GLN A 154 0.01 -2.61 -13.13
C GLN A 154 0.24 -3.82 -14.04
N LYS A 155 1.30 -3.80 -14.85
CA LYS A 155 1.72 -4.92 -15.73
C LYS A 155 1.74 -6.21 -14.89
N ASN A 156 2.50 -6.22 -13.79
CA ASN A 156 2.64 -7.40 -12.90
C ASN A 156 1.26 -7.86 -12.40
N TRP A 157 0.40 -6.93 -12.00
CA TRP A 157 -0.88 -7.28 -11.36
C TRP A 157 -1.74 -8.02 -12.41
N LEU A 158 -1.83 -7.46 -13.63
CA LEU A 158 -2.61 -8.04 -14.74
C LEU A 158 -2.07 -9.43 -15.09
N GLU A 159 -0.75 -9.62 -15.13
CA GLU A 159 -0.11 -10.84 -15.70
C GLU A 159 0.07 -11.94 -14.63
N GLU A 160 0.27 -11.60 -13.37
CA GLU A 160 0.60 -12.60 -12.30
C GLU A 160 -0.54 -12.68 -11.29
N GLU A 161 -0.80 -11.58 -10.59
CA GLU A 161 -1.79 -11.49 -9.49
C GLU A 161 -3.19 -11.83 -10.01
N CYS A 162 -3.63 -11.18 -11.09
CA CYS A 162 -5.00 -11.35 -11.65
C CYS A 162 -5.21 -12.84 -11.98
N ILE A 163 -4.24 -13.46 -12.65
CA ILE A 163 -4.31 -14.89 -13.06
C ILE A 163 -4.28 -15.80 -11.82
N ALA A 164 -3.48 -15.49 -10.80
CA ALA A 164 -3.46 -16.29 -9.55
C ALA A 164 -4.84 -16.26 -8.90
N TRP A 165 -5.47 -15.09 -8.84
CA TRP A 165 -6.79 -14.87 -8.20
C TRP A 165 -7.83 -15.69 -8.96
N LEU A 166 -7.86 -15.54 -10.29
CA LEU A 166 -8.78 -16.29 -11.22
C LEU A 166 -8.68 -17.78 -10.93
N LYS A 167 -7.48 -18.37 -10.96
CA LYS A 167 -7.28 -19.83 -10.74
C LYS A 167 -7.84 -20.23 -9.36
N ARG A 168 -7.53 -19.44 -8.32
CA ARG A 168 -8.05 -19.67 -6.94
C ARG A 168 -9.58 -19.66 -6.97
N PHE A 169 -10.17 -18.68 -7.65
CA PHE A 169 -11.65 -18.49 -7.75
C PHE A 169 -12.27 -19.61 -8.59
N LEU A 170 -11.66 -19.99 -9.71
CA LEU A 170 -12.11 -21.14 -10.55
C LEU A 170 -12.19 -22.41 -9.71
N GLU A 171 -11.18 -22.65 -8.85
CA GLU A 171 -11.14 -23.87 -8.00
C GLU A 171 -12.31 -23.79 -7.00
N TYR A 172 -12.56 -22.62 -6.43
CA TYR A 172 -13.64 -22.42 -5.44
C TYR A 172 -14.99 -22.76 -6.08
N GLY A 173 -15.24 -22.22 -7.28
CA GLY A 173 -16.52 -22.29 -8.00
C GLY A 173 -16.57 -23.36 -9.07
N LYS A 174 -15.71 -24.39 -8.99
CA LYS A 174 -15.50 -25.38 -10.09
C LYS A 174 -16.83 -26.05 -10.46
N ASP A 175 -17.64 -26.46 -9.48
CA ASP A 175 -18.92 -27.18 -9.75
C ASP A 175 -19.86 -26.28 -10.57
N THR A 176 -19.77 -24.95 -10.44
CA THR A 176 -20.62 -23.98 -11.17
C THR A 176 -19.94 -23.59 -12.50
N LEU A 177 -18.71 -23.10 -12.43
CA LEU A 177 -18.04 -22.41 -13.57
C LEU A 177 -17.57 -23.42 -14.61
N GLN A 178 -17.31 -24.67 -14.22
CA GLN A 178 -16.67 -25.67 -15.11
C GLN A 178 -17.66 -26.77 -15.50
N ARG A 179 -18.93 -26.71 -15.08
CA ARG A 179 -19.98 -27.70 -15.45
C ARG A 179 -20.43 -27.50 -16.91
N THR A 180 -21.22 -28.43 -17.43
CA THR A 180 -21.93 -28.29 -18.72
C THR A 180 -23.39 -28.73 -18.53
N GLU A 181 -24.33 -27.90 -18.99
CA GLU A 181 -25.74 -28.29 -19.20
C GLU A 181 -25.97 -28.16 -20.70
N PRO A 182 -26.21 -29.27 -21.42
CA PRO A 182 -26.32 -29.21 -22.88
C PRO A 182 -27.61 -28.51 -23.28
N PRO A 183 -27.68 -27.94 -24.50
CA PRO A 183 -28.88 -27.26 -24.96
C PRO A 183 -29.94 -28.30 -25.35
N LEU A 184 -31.21 -28.03 -25.04
CA LEU A 184 -32.40 -28.66 -25.68
C LEU A 184 -32.67 -27.80 -26.93
N VAL A 185 -32.47 -28.35 -28.14
CA VAL A 185 -32.57 -27.58 -29.41
C VAL A 185 -33.77 -28.11 -30.22
N ARG A 186 -34.79 -27.27 -30.43
CA ARG A 186 -35.99 -27.55 -31.28
C ARG A 186 -35.89 -26.74 -32.58
N VAL A 187 -36.51 -27.23 -33.66
CA VAL A 187 -36.70 -26.47 -34.94
C VAL A 187 -38.20 -26.28 -35.18
N ASN A 188 -38.64 -25.01 -35.22
CA ASN A 188 -40.04 -24.61 -35.53
C ASN A 188 -40.15 -24.23 -37.00
N ARG A 189 -41.25 -24.62 -37.65
CA ARG A 189 -41.70 -24.04 -38.94
C ARG A 189 -42.82 -23.04 -38.61
N LYS A 190 -42.66 -21.77 -39.00
CA LYS A 190 -43.74 -20.74 -38.89
C LYS A 190 -44.03 -20.15 -40.28
N GLU A 191 -45.31 -20.16 -40.68
CA GLU A 191 -45.79 -19.26 -41.76
C GLU A 191 -45.87 -17.84 -41.16
N THR A 192 -44.95 -16.96 -41.56
CA THR A 192 -44.81 -15.58 -41.00
C THR A 192 -45.75 -14.64 -41.75
N PHE A 193 -45.97 -14.89 -43.03
CA PHE A 193 -46.96 -14.21 -43.91
C PHE A 193 -47.49 -15.28 -44.86
N PRO A 194 -48.66 -15.10 -45.52
CA PRO A 194 -49.24 -16.15 -46.37
C PRO A 194 -48.33 -16.60 -47.53
N GLY A 195 -48.10 -17.92 -47.67
CA GLY A 195 -47.19 -18.51 -48.66
C GLY A 195 -45.74 -18.60 -48.19
N VAL A 196 -45.29 -17.59 -47.42
CA VAL A 196 -43.86 -17.37 -47.01
C VAL A 196 -43.56 -18.12 -45.71
N THR A 197 -42.70 -19.14 -45.77
CA THR A 197 -42.31 -19.98 -44.60
C THR A 197 -40.92 -19.53 -44.10
N ALA A 198 -40.76 -19.46 -42.79
CA ALA A 198 -39.49 -19.20 -42.09
C ALA A 198 -39.27 -20.32 -41.06
N LEU A 199 -38.02 -20.76 -40.89
CA LEU A 199 -37.62 -21.82 -39.93
C LEU A 199 -36.92 -21.15 -38.74
N PHE A 200 -37.33 -21.51 -37.52
CA PHE A 200 -36.73 -21.04 -36.24
C PHE A 200 -36.02 -22.21 -35.55
N CYS A 201 -34.69 -22.12 -35.41
CA CYS A 201 -33.89 -23.03 -34.56
C CYS A 201 -33.76 -22.41 -33.17
N LYS A 202 -34.38 -23.01 -32.15
CA LYS A 202 -34.36 -22.47 -30.76
C LYS A 202 -33.59 -23.43 -29.84
N ALA A 203 -32.77 -22.87 -28.95
CA ALA A 203 -31.96 -23.61 -27.95
C ALA A 203 -32.25 -23.03 -26.58
N HIS A 204 -32.38 -23.87 -25.55
CA HIS A 204 -32.48 -23.39 -24.15
C HIS A 204 -31.86 -24.43 -23.20
N GLY A 205 -31.79 -24.04 -21.89
CA GLY A 205 -31.32 -24.89 -20.79
C GLY A 205 -29.80 -25.07 -20.76
N PHE A 206 -29.05 -24.26 -21.53
CA PHE A 206 -27.61 -24.53 -21.78
C PHE A 206 -26.76 -23.63 -20.88
N TYR A 207 -25.62 -24.16 -20.43
CA TYR A 207 -24.50 -23.46 -19.76
C TYR A 207 -23.20 -24.16 -20.16
N PRO A 208 -22.09 -23.47 -20.46
CA PRO A 208 -21.99 -22.01 -20.48
C PRO A 208 -22.91 -21.25 -21.43
N PRO A 209 -23.01 -19.91 -21.31
CA PRO A 209 -23.77 -19.11 -22.27
C PRO A 209 -23.23 -19.09 -23.70
N GLU A 210 -21.92 -19.31 -23.90
CA GLU A 210 -21.28 -19.34 -25.26
C GLU A 210 -21.84 -20.52 -26.07
N ILE A 211 -22.32 -20.23 -27.28
CA ILE A 211 -22.97 -21.21 -28.18
C ILE A 211 -22.92 -20.63 -29.60
N TYR A 212 -22.73 -21.49 -30.61
CA TYR A 212 -22.73 -21.12 -32.03
C TYR A 212 -23.96 -21.79 -32.66
N MET A 213 -24.78 -21.01 -33.37
CA MET A 213 -25.98 -21.48 -34.09
C MET A 213 -25.99 -20.84 -35.48
N THR A 214 -26.17 -21.65 -36.52
CA THR A 214 -26.31 -21.18 -37.91
C THR A 214 -27.22 -22.16 -38.69
N TRP A 215 -27.63 -21.70 -39.87
CA TRP A 215 -28.42 -22.46 -40.87
C TRP A 215 -27.52 -22.74 -42.07
N MET A 216 -27.53 -23.97 -42.60
CA MET A 216 -26.77 -24.37 -43.80
C MET A 216 -27.73 -24.97 -44.84
N LYS A 217 -27.40 -24.81 -46.12
CA LYS A 217 -28.09 -25.45 -47.27
C LYS A 217 -27.22 -26.64 -47.74
N ASN A 218 -27.83 -27.82 -47.88
CA ASN A 218 -27.19 -29.06 -48.40
C ASN A 218 -25.79 -29.23 -47.80
N GLU A 221 -22.69 -25.28 -47.18
CA GLU A 221 -22.81 -23.85 -47.60
C GLU A 221 -23.71 -23.09 -46.59
N ILE A 222 -23.14 -22.13 -45.86
CA ILE A 222 -23.87 -21.27 -44.86
C ILE A 222 -24.96 -20.48 -45.60
N VAL A 223 -26.02 -20.06 -44.90
CA VAL A 223 -27.15 -19.30 -45.49
C VAL A 223 -26.90 -17.79 -45.32
N GLN A 224 -27.42 -16.99 -46.24
CA GLN A 224 -27.39 -15.50 -46.20
C GLN A 224 -28.68 -14.99 -45.53
N GLU A 225 -28.61 -13.82 -44.89
CA GLU A 225 -29.73 -13.23 -44.10
C GLU A 225 -30.23 -14.28 -43.10
N ILE A 226 -29.40 -14.58 -42.09
CA ILE A 226 -29.82 -15.31 -40.87
C ILE A 226 -30.17 -14.24 -39.83
N ASP A 227 -31.35 -14.36 -39.22
CA ASP A 227 -31.81 -13.50 -38.10
C ASP A 227 -31.40 -14.17 -36.79
N TYR A 228 -30.65 -13.48 -35.92
CA TYR A 228 -30.06 -14.02 -34.67
C TYR A 228 -30.78 -13.43 -33.46
N GLY A 229 -31.19 -14.27 -32.52
CA GLY A 229 -31.65 -13.85 -31.18
C GLY A 229 -30.47 -13.74 -30.24
N ASP A 230 -30.47 -12.81 -29.29
CA ASP A 230 -29.42 -12.70 -28.26
C ASP A 230 -29.36 -13.98 -27.42
N ILE A 231 -28.19 -14.30 -26.87
CA ILE A 231 -28.02 -15.31 -25.79
C ILE A 231 -28.57 -14.65 -24.53
N LEU A 232 -29.75 -15.11 -24.05
CA LEU A 232 -30.52 -14.50 -22.94
C LEU A 232 -30.52 -15.44 -21.74
N PRO A 233 -30.45 -14.89 -20.49
CA PRO A 233 -30.53 -15.71 -19.28
C PRO A 233 -31.98 -16.13 -19.01
N SER A 234 -32.20 -17.40 -18.67
CA SER A 234 -33.54 -18.00 -18.38
C SER A 234 -33.91 -17.73 -16.90
N GLY A 235 -32.91 -17.34 -16.10
CA GLY A 235 -33.10 -16.89 -14.70
C GLY A 235 -32.98 -18.05 -13.71
N ASP A 236 -32.51 -19.22 -14.21
CA ASP A 236 -32.22 -20.42 -13.37
C ASP A 236 -30.75 -20.84 -13.50
N GLY A 237 -29.88 -19.93 -14.00
CA GLY A 237 -28.44 -20.17 -14.22
C GLY A 237 -28.14 -20.71 -15.62
N THR A 238 -29.16 -20.86 -16.48
CA THR A 238 -29.03 -21.35 -17.88
C THR A 238 -29.55 -20.27 -18.87
N TYR A 239 -29.17 -20.47 -20.17
CA TYR A 239 -29.42 -19.49 -21.26
C TYR A 239 -30.27 -20.12 -22.38
N GLN A 240 -31.00 -19.26 -23.09
CA GLN A 240 -31.77 -19.57 -24.33
C GLN A 240 -31.27 -18.69 -25.48
N ALA A 241 -31.43 -19.15 -26.72
CA ALA A 241 -30.99 -18.42 -27.93
C ALA A 241 -31.61 -19.06 -29.16
N TRP A 242 -31.73 -18.29 -30.25
CA TRP A 242 -32.32 -18.81 -31.51
C TRP A 242 -31.68 -18.17 -32.74
N ALA A 243 -31.89 -18.80 -33.90
CA ALA A 243 -31.58 -18.30 -35.26
C ALA A 243 -32.75 -18.65 -36.18
N SER A 244 -33.16 -17.73 -37.05
CA SER A 244 -34.23 -17.97 -38.05
C SER A 244 -33.70 -17.69 -39.47
N ILE A 245 -34.27 -18.38 -40.45
CA ILE A 245 -34.13 -18.09 -41.90
C ILE A 245 -35.52 -18.04 -42.50
N GLU A 246 -35.68 -17.32 -43.60
CA GLU A 246 -36.91 -17.32 -44.41
C GLU A 246 -36.64 -18.11 -45.70
N LEU A 247 -37.54 -19.03 -46.06
CA LEU A 247 -37.38 -19.91 -47.25
C LEU A 247 -37.61 -19.10 -48.53
N ASP A 248 -37.15 -19.62 -49.66
CA ASP A 248 -37.48 -19.09 -51.01
C ASP A 248 -38.69 -19.87 -51.50
N PRO A 249 -39.60 -19.24 -52.27
CA PRO A 249 -40.63 -20.00 -52.98
C PRO A 249 -40.00 -21.21 -53.69
N GLN A 250 -40.71 -22.35 -53.64
CA GLN A 250 -40.38 -23.68 -54.26
C GLN A 250 -38.86 -23.98 -54.22
N SER A 251 -38.19 -23.75 -53.09
CA SER A 251 -36.75 -24.10 -52.88
C SER A 251 -36.64 -25.61 -52.59
N TYR A 255 -32.00 -27.66 -46.12
CA TYR A 255 -31.78 -26.73 -44.99
C TYR A 255 -31.65 -27.51 -43.67
N SER A 256 -30.70 -27.12 -42.83
CA SER A 256 -30.40 -27.76 -41.52
C SER A 256 -29.86 -26.73 -40.54
N CYS A 257 -30.19 -26.87 -39.25
CA CYS A 257 -29.68 -26.02 -38.15
C CYS A 257 -28.44 -26.67 -37.54
N HIS A 258 -27.33 -25.93 -37.43
CA HIS A 258 -26.06 -26.39 -36.80
C HIS A 258 -25.86 -25.62 -35.51
N VAL A 259 -25.68 -26.34 -34.39
CA VAL A 259 -25.41 -25.77 -33.04
C VAL A 259 -24.10 -26.38 -32.55
N GLU A 260 -23.20 -25.57 -31.99
CA GLU A 260 -21.97 -26.04 -31.33
C GLU A 260 -21.91 -25.46 -29.92
N HIS A 261 -21.79 -26.32 -28.91
CA HIS A 261 -21.81 -25.95 -27.48
C HIS A 261 -20.84 -26.85 -26.74
N SER A 262 -19.89 -26.25 -25.99
CA SER A 262 -18.98 -26.92 -25.04
C SER A 262 -18.41 -28.21 -25.65
N GLY A 263 -17.91 -28.14 -26.89
CA GLY A 263 -17.20 -29.26 -27.56
C GLY A 263 -18.12 -30.32 -28.12
N VAL A 264 -19.42 -30.03 -28.27
CA VAL A 264 -20.45 -30.95 -28.86
C VAL A 264 -21.15 -30.24 -30.03
N HIS A 265 -21.21 -30.91 -31.19
N HIS A 265 -21.15 -30.86 -31.22
CA HIS A 265 -21.75 -30.41 -32.47
CA HIS A 265 -21.80 -30.35 -32.45
C HIS A 265 -23.09 -31.12 -32.77
C HIS A 265 -23.12 -31.10 -32.70
N MET A 266 -24.14 -30.38 -33.15
CA MET A 266 -25.53 -30.90 -33.36
C MET A 266 -26.02 -30.47 -34.74
N VAL A 267 -26.75 -31.35 -35.43
CA VAL A 267 -27.39 -31.07 -36.74
C VAL A 267 -28.86 -31.50 -36.66
N LEU A 268 -29.76 -30.59 -37.03
CA LEU A 268 -31.23 -30.79 -37.17
C LEU A 268 -31.64 -30.43 -38.61
N GLN A 269 -32.05 -31.41 -39.44
CA GLN A 269 -32.37 -31.18 -40.88
C GLN A 269 -33.84 -30.84 -41.08
N MET B 1 -22.36 14.24 -24.84
CA MET B 1 -22.73 13.09 -23.98
C MET B 1 -23.69 12.15 -24.74
N ILE B 2 -23.40 10.85 -24.73
CA ILE B 2 -24.14 9.78 -25.46
C ILE B 2 -24.88 8.96 -24.42
N GLN B 3 -26.20 9.10 -24.40
CA GLN B 3 -27.14 8.26 -23.61
C GLN B 3 -27.53 7.07 -24.49
N ARG B 4 -27.70 5.89 -23.89
CA ARG B 4 -28.12 4.66 -24.61
C ARG B 4 -29.47 4.19 -24.04
N THR B 5 -30.50 4.13 -24.88
CA THR B 5 -31.86 3.72 -24.42
C THR B 5 -31.83 2.21 -24.21
N PRO B 6 -32.57 1.68 -23.21
CA PRO B 6 -32.58 0.23 -22.99
C PRO B 6 -33.28 -0.58 -24.10
N LYS B 7 -32.63 -1.68 -24.44
CA LYS B 7 -33.23 -2.84 -25.13
C LYS B 7 -34.02 -3.58 -24.08
N ILE B 8 -35.23 -4.03 -24.44
CA ILE B 8 -36.20 -4.61 -23.48
C ILE B 8 -36.75 -5.90 -24.10
N GLN B 9 -36.37 -7.05 -23.58
CA GLN B 9 -36.82 -8.36 -24.13
C GLN B 9 -37.68 -9.06 -23.07
N VAL B 10 -38.85 -9.55 -23.47
CA VAL B 10 -39.76 -10.31 -22.55
C VAL B 10 -39.96 -11.70 -23.14
N TYR B 11 -39.79 -12.71 -22.29
CA TYR B 11 -39.75 -14.13 -22.68
C TYR B 11 -39.93 -15.00 -21.44
N SER B 12 -40.26 -16.27 -21.63
CA SER B 12 -40.44 -17.26 -20.55
C SER B 12 -39.18 -18.12 -20.43
N ARG B 13 -38.88 -18.56 -19.20
CA ARG B 13 -37.79 -19.50 -18.86
C ARG B 13 -37.89 -20.76 -19.73
N HIS B 14 -39.10 -21.33 -19.85
CA HIS B 14 -39.36 -22.58 -20.59
C HIS B 14 -40.39 -22.30 -21.70
N PRO B 15 -40.39 -23.10 -22.79
CA PRO B 15 -41.49 -23.03 -23.78
C PRO B 15 -42.79 -22.92 -22.97
N ALA B 16 -43.52 -21.82 -23.13
CA ALA B 16 -44.77 -21.54 -22.37
C ALA B 16 -45.84 -22.51 -22.85
N GLU B 17 -46.64 -23.04 -21.91
CA GLU B 17 -47.87 -23.83 -22.18
C GLU B 17 -48.98 -23.34 -21.24
N ASN B 18 -50.18 -23.10 -21.76
CA ASN B 18 -51.34 -22.61 -20.96
C ASN B 18 -51.65 -23.64 -19.87
N GLY B 19 -51.70 -23.20 -18.61
CA GLY B 19 -51.90 -24.04 -17.42
C GLY B 19 -50.61 -24.65 -16.89
N LYS B 20 -49.44 -24.26 -17.40
CA LYS B 20 -48.11 -24.81 -16.98
C LYS B 20 -47.24 -23.73 -16.34
N SER B 21 -47.11 -23.81 -15.01
CA SER B 21 -46.24 -23.01 -14.11
C SER B 21 -44.89 -22.71 -14.81
N ASN B 22 -44.60 -21.44 -15.11
CA ASN B 22 -43.36 -21.00 -15.81
C ASN B 22 -42.77 -19.79 -15.07
N PHE B 23 -41.75 -19.14 -15.65
CA PHE B 23 -41.21 -17.84 -15.16
C PHE B 23 -41.22 -16.85 -16.33
N LEU B 24 -41.78 -15.66 -16.10
CA LEU B 24 -41.76 -14.53 -17.07
C LEU B 24 -40.50 -13.70 -16.80
N ASN B 25 -39.62 -13.55 -17.81
CA ASN B 25 -38.34 -12.80 -17.70
C ASN B 25 -38.42 -11.51 -18.50
N CYS B 26 -38.05 -10.39 -17.88
CA CYS B 26 -37.78 -9.13 -18.59
C CYS B 26 -36.30 -8.78 -18.51
N TYR B 27 -35.58 -8.86 -19.63
CA TYR B 27 -34.13 -8.56 -19.75
C TYR B 27 -33.94 -7.16 -20.36
N VAL B 28 -33.44 -6.23 -19.53
CA VAL B 28 -33.23 -4.80 -19.88
C VAL B 28 -31.73 -4.57 -19.99
N SER B 29 -31.24 -4.12 -21.14
CA SER B 29 -29.79 -4.20 -21.44
C SER B 29 -29.33 -3.04 -22.33
N GLY B 30 -28.02 -2.79 -22.34
CA GLY B 30 -27.34 -1.83 -23.22
C GLY B 30 -27.72 -0.39 -22.91
N PHE B 31 -28.12 -0.10 -21.68
CA PHE B 31 -28.52 1.28 -21.32
C PHE B 31 -27.35 2.01 -20.64
N HIS B 32 -27.38 3.33 -20.75
CA HIS B 32 -26.49 4.29 -20.07
C HIS B 32 -27.19 5.64 -20.06
N PRO B 33 -27.28 6.36 -18.91
CA PRO B 33 -26.69 5.96 -17.63
C PRO B 33 -27.44 4.85 -16.87
N SER B 34 -27.05 4.60 -15.61
CA SER B 34 -27.40 3.38 -14.83
C SER B 34 -28.83 3.47 -14.22
N ASP B 35 -29.38 4.66 -14.00
CA ASP B 35 -30.66 4.83 -13.27
C ASP B 35 -31.78 4.28 -14.14
N ILE B 36 -32.57 3.34 -13.60
CA ILE B 36 -33.66 2.67 -14.37
C ILE B 36 -34.74 2.16 -13.41
N GLU B 37 -35.98 2.11 -13.90
CA GLU B 37 -37.16 1.54 -13.19
C GLU B 37 -37.80 0.47 -14.08
N VAL B 38 -38.01 -0.73 -13.54
CA VAL B 38 -38.68 -1.84 -14.28
C VAL B 38 -39.86 -2.35 -13.45
N ASP B 39 -41.01 -2.57 -14.10
CA ASP B 39 -42.18 -3.28 -13.55
C ASP B 39 -42.68 -4.33 -14.55
N LEU B 40 -42.95 -5.55 -14.05
CA LEU B 40 -43.71 -6.58 -14.79
C LEU B 40 -45.20 -6.27 -14.59
N LEU B 41 -45.98 -6.31 -15.68
CA LEU B 41 -47.43 -6.02 -15.65
C LEU B 41 -48.20 -7.30 -16.01
N LYS B 42 -49.38 -7.47 -15.40
CA LYS B 42 -50.36 -8.52 -15.76
C LYS B 42 -51.72 -7.85 -16.00
N ASN B 43 -52.22 -7.90 -17.23
CA ASN B 43 -53.33 -7.08 -17.77
C ASN B 43 -53.22 -5.62 -17.25
N GLY B 44 -52.05 -4.98 -17.41
CA GLY B 44 -51.89 -3.51 -17.27
C GLY B 44 -51.59 -3.05 -15.84
N GLU B 45 -51.80 -3.91 -14.85
CA GLU B 45 -51.59 -3.61 -13.41
C GLU B 45 -50.24 -4.16 -12.95
N ARG B 46 -49.63 -3.51 -11.96
CA ARG B 46 -48.29 -3.82 -11.42
C ARG B 46 -48.32 -5.15 -10.66
N ILE B 47 -47.55 -6.15 -11.09
CA ILE B 47 -47.29 -7.40 -10.30
C ILE B 47 -46.40 -7.01 -9.09
N GLU B 48 -46.91 -7.20 -7.87
CA GLU B 48 -46.09 -7.20 -6.62
C GLU B 48 -45.29 -8.52 -6.59
N LYS B 49 -44.39 -8.70 -5.64
CA LYS B 49 -43.40 -9.82 -5.60
C LYS B 49 -42.85 -10.11 -7.01
N VAL B 50 -42.02 -9.20 -7.51
CA VAL B 50 -41.09 -9.42 -8.65
C VAL B 50 -39.69 -9.54 -8.05
N GLU B 51 -38.84 -10.42 -8.59
CA GLU B 51 -37.40 -10.52 -8.21
C GLU B 51 -36.55 -10.00 -9.35
N HIS B 52 -35.39 -9.42 -9.02
CA HIS B 52 -34.43 -8.84 -10.00
C HIS B 52 -33.00 -9.10 -9.53
N SER B 53 -32.11 -9.31 -10.50
CA SER B 53 -30.63 -9.37 -10.34
C SER B 53 -30.14 -7.99 -9.86
N ASP B 54 -28.94 -7.93 -9.30
CA ASP B 54 -28.22 -6.65 -9.09
C ASP B 54 -27.97 -6.02 -10.47
N LEU B 55 -27.95 -4.68 -10.53
CA LEU B 55 -27.33 -3.93 -11.66
C LEU B 55 -26.04 -4.67 -12.08
N SER B 56 -25.89 -4.88 -13.38
CA SER B 56 -24.80 -5.69 -13.97
C SER B 56 -24.08 -4.84 -15.01
N PHE B 57 -22.76 -5.01 -15.12
CA PHE B 57 -21.84 -4.19 -15.95
C PHE B 57 -21.37 -4.98 -17.18
N SER B 58 -21.51 -4.39 -18.36
CA SER B 58 -21.00 -4.92 -19.65
C SER B 58 -19.67 -4.23 -19.95
N LYS B 59 -18.80 -4.89 -20.72
CA LYS B 59 -17.46 -4.35 -21.09
C LYS B 59 -17.62 -3.15 -22.03
N ASP B 60 -18.80 -2.89 -22.65
CA ASP B 60 -18.99 -1.70 -23.52
C ASP B 60 -19.56 -0.52 -22.70
N TRP B 61 -19.55 -0.70 -21.38
CA TRP B 61 -19.82 0.31 -20.32
C TRP B 61 -21.33 0.46 -20.09
N SER B 62 -22.18 -0.23 -20.87
CA SER B 62 -23.64 -0.22 -20.65
C SER B 62 -23.96 -1.18 -19.50
N PHE B 63 -25.22 -1.17 -19.06
CA PHE B 63 -25.70 -1.94 -17.90
C PHE B 63 -26.86 -2.86 -18.36
N TYR B 64 -27.05 -3.94 -17.62
CA TYR B 64 -28.15 -4.91 -17.81
C TYR B 64 -28.61 -5.40 -16.44
N LEU B 65 -29.83 -5.96 -16.44
CA LEU B 65 -30.67 -6.34 -15.30
C LEU B 65 -31.64 -7.45 -15.78
N LEU B 66 -31.93 -8.44 -14.94
CA LEU B 66 -33.04 -9.38 -15.20
C LEU B 66 -34.07 -9.21 -14.09
N TYR B 67 -35.30 -8.83 -14.47
CA TYR B 67 -36.54 -8.95 -13.65
C TYR B 67 -37.32 -10.19 -14.11
N TYR B 68 -37.71 -11.03 -13.15
CA TYR B 68 -38.46 -12.30 -13.37
C TYR B 68 -39.52 -12.47 -12.27
N THR B 69 -40.57 -13.22 -12.59
CA THR B 69 -41.71 -13.53 -11.68
C THR B 69 -42.24 -14.93 -12.01
N GLU B 70 -42.66 -15.66 -10.97
CA GLU B 70 -43.40 -16.94 -11.09
C GLU B 70 -44.81 -16.62 -11.58
N PHE B 71 -45.24 -17.26 -12.68
CA PHE B 71 -46.60 -17.11 -13.27
C PHE B 71 -47.01 -18.42 -13.95
N THR B 72 -48.31 -18.51 -14.24
CA THR B 72 -48.93 -19.59 -15.05
C THR B 72 -49.73 -18.96 -16.19
N PRO B 73 -49.24 -19.10 -17.45
CA PRO B 73 -49.91 -18.50 -18.60
C PRO B 73 -51.30 -19.13 -18.86
N THR B 74 -52.17 -18.35 -19.50
CA THR B 74 -53.57 -18.70 -19.90
C THR B 74 -53.78 -18.16 -21.32
N GLU B 75 -54.94 -18.35 -21.93
CA GLU B 75 -55.24 -17.73 -23.24
C GLU B 75 -55.56 -16.24 -23.03
N LYS B 76 -56.17 -15.88 -21.89
CA LYS B 76 -56.80 -14.55 -21.63
C LYS B 76 -55.81 -13.54 -21.05
N ASP B 77 -54.87 -13.98 -20.19
CA ASP B 77 -54.06 -13.08 -19.33
C ASP B 77 -52.93 -12.49 -20.18
N GLU B 78 -52.87 -11.16 -20.23
CA GLU B 78 -51.80 -10.40 -20.93
C GLU B 78 -50.70 -10.02 -19.93
N TYR B 79 -49.45 -10.05 -20.38
CA TYR B 79 -48.26 -9.79 -19.55
C TYR B 79 -47.35 -8.78 -20.29
N ALA B 80 -46.74 -7.87 -19.53
CA ALA B 80 -45.90 -6.80 -20.09
C ALA B 80 -44.69 -6.53 -19.19
N CYS B 81 -43.71 -5.79 -19.69
CA CYS B 81 -42.60 -5.19 -18.91
C CYS B 81 -42.65 -3.69 -19.19
N ARG B 82 -42.70 -2.87 -18.15
CA ARG B 82 -42.74 -1.39 -18.23
C ARG B 82 -41.39 -0.86 -17.71
N VAL B 83 -40.62 -0.19 -18.56
CA VAL B 83 -39.25 0.34 -18.23
C VAL B 83 -39.30 1.84 -18.37
N ASN B 84 -38.74 2.54 -17.37
CA ASN B 84 -38.49 4.00 -17.44
C ASN B 84 -36.98 4.24 -17.29
N HIS B 85 -36.51 5.31 -17.94
CA HIS B 85 -35.08 5.67 -18.07
C HIS B 85 -35.01 7.10 -18.59
N VAL B 86 -33.89 7.77 -18.37
CA VAL B 86 -33.74 9.21 -18.70
C VAL B 86 -33.98 9.37 -20.20
N THR B 87 -33.65 8.35 -21.01
CA THR B 87 -33.85 8.38 -22.50
C THR B 87 -35.34 8.32 -22.87
N LEU B 88 -36.23 7.92 -21.97
CA LEU B 88 -37.67 7.71 -22.30
C LEU B 88 -38.49 8.82 -21.64
N SER B 89 -39.13 9.68 -22.44
CA SER B 89 -40.01 10.76 -21.92
C SER B 89 -41.30 10.16 -21.32
N GLN B 90 -41.58 8.88 -21.58
CA GLN B 90 -42.68 8.12 -20.94
C GLN B 90 -42.21 6.68 -20.70
N PRO B 91 -42.68 6.00 -19.64
CA PRO B 91 -42.35 4.59 -19.45
C PRO B 91 -42.69 3.84 -20.75
N LYS B 92 -41.87 2.86 -21.16
CA LYS B 92 -42.11 2.03 -22.38
C LYS B 92 -42.67 0.68 -21.93
N ILE B 93 -43.84 0.31 -22.44
CA ILE B 93 -44.52 -1.00 -22.18
C ILE B 93 -44.15 -1.93 -23.37
N VAL B 94 -43.50 -3.06 -23.06
CA VAL B 94 -43.21 -4.15 -24.04
C VAL B 94 -44.03 -5.39 -23.63
N LYS B 95 -44.87 -5.91 -24.51
CA LYS B 95 -45.77 -7.03 -24.17
C LYS B 95 -45.09 -8.36 -24.48
N TRP B 96 -45.42 -9.39 -23.68
CA TRP B 96 -44.94 -10.79 -23.88
C TRP B 96 -45.55 -11.36 -25.15
N ASP B 97 -44.71 -11.81 -26.09
CA ASP B 97 -45.11 -12.17 -27.48
C ASP B 97 -45.95 -13.45 -27.48
N ARG B 98 -46.00 -14.19 -26.36
CA ARG B 98 -46.76 -15.48 -26.22
C ARG B 98 -46.27 -16.46 -27.30
N ASP B 99 -44.98 -16.85 -27.22
CA ASP B 99 -44.26 -17.67 -28.23
C ASP B 99 -45.06 -17.72 -29.54
N GLY C 3 2.68 -13.39 1.88
CA GLY C 3 2.64 -12.73 3.21
C GLY C 3 3.12 -13.66 4.33
N GLN C 4 4.32 -14.25 4.19
CA GLN C 4 4.88 -15.29 5.11
C GLN C 4 6.14 -14.74 5.82
N ASN C 5 7.23 -14.48 5.09
CA ASN C 5 8.58 -14.38 5.69
C ASN C 5 9.53 -13.53 4.85
N ILE C 6 10.45 -12.83 5.51
CA ILE C 6 11.44 -11.92 4.88
C ILE C 6 12.69 -11.86 5.79
N ASP C 7 13.87 -12.05 5.20
CA ASP C 7 15.18 -12.18 5.89
C ASP C 7 16.20 -11.26 5.22
N GLN C 8 16.94 -10.50 6.02
CA GLN C 8 18.11 -9.70 5.58
C GLN C 8 19.13 -9.74 6.72
N PRO C 9 20.44 -9.61 6.42
CA PRO C 9 21.47 -9.75 7.46
C PRO C 9 21.30 -8.62 8.49
N THR C 10 21.61 -8.88 9.75
CA THR C 10 21.51 -7.88 10.84
C THR C 10 22.50 -6.74 10.57
N GLU C 11 23.74 -7.05 10.18
CA GLU C 11 24.79 -6.01 10.07
C GLU C 11 25.76 -6.40 8.95
N MET C 12 26.18 -5.41 8.17
CA MET C 12 27.33 -5.53 7.23
C MET C 12 28.36 -4.41 7.46
N THR C 13 29.63 -4.74 7.24
CA THR C 13 30.75 -3.78 7.33
C THR C 13 31.57 -3.84 6.04
N ALA C 14 31.84 -2.67 5.45
CA ALA C 14 32.59 -2.47 4.20
C ALA C 14 33.48 -1.21 4.31
N THR C 15 34.48 -1.11 3.45
CA THR C 15 35.43 0.05 3.43
C THR C 15 34.90 1.15 2.48
N GLU C 16 34.98 2.40 2.94
CA GLU C 16 34.84 3.65 2.12
C GLU C 16 35.49 3.41 0.76
N GLY C 17 34.84 3.82 -0.34
CA GLY C 17 35.33 3.71 -1.72
C GLY C 17 35.03 2.36 -2.37
N ALA C 18 34.58 1.35 -1.60
CA ALA C 18 34.35 -0.02 -2.09
C ALA C 18 32.87 -0.22 -2.43
N ILE C 19 32.44 -1.48 -2.57
CA ILE C 19 31.06 -1.86 -3.01
C ILE C 19 30.43 -2.80 -1.96
N VAL C 20 29.12 -2.68 -1.71
CA VAL C 20 28.41 -3.63 -0.79
C VAL C 20 27.07 -4.04 -1.43
N GLN C 21 26.74 -5.32 -1.29
CA GLN C 21 25.51 -5.96 -1.81
C GLN C 21 24.71 -6.41 -0.59
N ILE C 22 23.57 -5.77 -0.34
CA ILE C 22 22.67 -6.14 0.79
C ILE C 22 21.55 -7.03 0.23
N ASN C 23 21.54 -8.29 0.66
CA ASN C 23 20.63 -9.35 0.18
C ASN C 23 19.35 -9.30 1.02
N CYS C 24 18.22 -9.61 0.41
CA CYS C 24 16.91 -9.81 1.09
C CYS C 24 16.22 -10.97 0.41
N THR C 25 15.92 -12.03 1.16
CA THR C 25 15.11 -13.20 0.69
C THR C 25 13.68 -13.07 1.27
N TYR C 26 12.68 -13.56 0.56
CA TYR C 26 11.27 -13.50 1.03
C TYR C 26 10.56 -14.74 0.49
N GLN C 27 9.58 -15.24 1.26
CA GLN C 27 8.68 -16.36 0.86
C GLN C 27 7.24 -15.82 0.91
N THR C 28 6.48 -15.98 -0.17
CA THR C 28 5.08 -15.48 -0.28
C THR C 28 4.34 -16.22 -1.40
N SER C 29 3.03 -16.40 -1.27
CA SER C 29 2.12 -16.75 -2.39
C SER C 29 1.34 -15.49 -2.71
N GLY C 30 1.75 -14.75 -3.74
CA GLY C 30 1.23 -13.41 -4.08
C GLY C 30 2.19 -12.31 -3.73
N PHE C 31 2.31 -11.31 -4.60
CA PHE C 31 3.42 -10.32 -4.55
C PHE C 31 3.09 -9.09 -5.38
N ASN C 32 3.15 -7.89 -4.78
CA ASN C 32 2.89 -6.61 -5.48
C ASN C 32 4.10 -5.67 -5.40
N GLY C 33 5.29 -6.22 -5.14
CA GLY C 33 6.55 -5.46 -5.24
C GLY C 33 7.40 -5.49 -3.98
N LEU C 34 8.71 -5.23 -4.15
CA LEU C 34 9.68 -5.21 -3.03
C LEU C 34 10.37 -3.83 -3.04
N PHE C 35 10.51 -3.27 -1.84
CA PHE C 35 10.95 -1.89 -1.57
C PHE C 35 12.23 -1.97 -0.75
N TRP C 36 13.13 -1.03 -0.98
CA TRP C 36 14.24 -0.74 -0.04
C TRP C 36 14.03 0.66 0.51
N TYR C 37 14.16 0.82 1.82
CA TYR C 37 14.17 2.13 2.49
C TYR C 37 15.55 2.32 3.14
N GLN C 38 16.00 3.57 3.22
CA GLN C 38 17.20 3.97 4.00
C GLN C 38 16.75 4.65 5.29
N GLN C 39 17.33 4.24 6.42
CA GLN C 39 17.08 4.87 7.74
C GLN C 39 18.42 5.18 8.42
N HIS C 40 18.76 6.46 8.52
CA HIS C 40 19.90 6.97 9.31
C HIS C 40 19.56 6.86 10.79
N ALA C 41 20.57 6.61 11.64
CA ALA C 41 20.51 6.64 13.12
C ALA C 41 19.70 7.85 13.57
N GLY C 42 18.64 7.61 14.36
CA GLY C 42 17.73 8.65 14.89
C GLY C 42 16.87 9.34 13.84
N GLU C 43 16.78 8.85 12.60
CA GLU C 43 16.03 9.52 11.51
C GLU C 43 14.87 8.65 11.01
N ALA C 44 14.05 9.21 10.11
CA ALA C 44 12.91 8.53 9.46
C ALA C 44 13.43 7.62 8.35
N PRO C 45 12.79 6.45 8.09
CA PRO C 45 13.07 5.69 6.89
C PRO C 45 12.70 6.56 5.68
N THR C 46 13.47 6.50 4.59
CA THR C 46 13.21 7.25 3.33
C THR C 46 13.27 6.25 2.19
N PHE C 47 12.36 6.43 1.24
CA PHE C 47 12.17 5.53 0.08
C PHE C 47 13.47 5.52 -0.73
N LEU C 48 14.02 4.35 -1.09
CA LEU C 48 15.18 4.25 -2.02
C LEU C 48 14.73 3.67 -3.37
N SER C 49 14.14 2.46 -3.36
CA SER C 49 13.88 1.64 -4.59
C SER C 49 12.58 0.84 -4.49
N TYR C 50 12.01 0.52 -5.67
CA TYR C 50 10.83 -0.38 -5.89
C TYR C 50 11.12 -1.27 -7.10
N ASN C 51 11.12 -2.59 -6.88
CA ASN C 51 11.13 -3.62 -7.96
C ASN C 51 9.84 -4.46 -7.86
N VAL C 52 9.27 -4.83 -9.01
CA VAL C 52 8.14 -5.81 -9.10
C VAL C 52 8.40 -6.80 -10.23
N LEU C 53 8.88 -6.36 -11.39
CA LEU C 53 9.38 -7.25 -12.47
C LEU C 53 10.80 -7.69 -12.15
N ASP C 54 11.23 -8.79 -12.75
CA ASP C 54 12.65 -9.27 -12.73
C ASP C 54 13.56 -8.19 -13.28
N GLY C 55 14.75 -8.05 -12.68
CA GLY C 55 15.88 -7.31 -13.26
C GLY C 55 16.41 -6.25 -12.32
N LEU C 56 17.07 -5.25 -12.90
CA LEU C 56 17.98 -4.32 -12.19
C LEU C 56 17.57 -2.90 -12.53
N GLU C 57 17.48 -2.03 -11.53
CA GLU C 57 17.22 -0.58 -11.69
C GLU C 57 18.40 0.15 -11.04
N GLU C 58 18.89 1.21 -11.70
CA GLU C 58 20.12 1.96 -11.34
C GLU C 58 19.80 3.45 -11.23
N LYS C 59 20.11 4.05 -10.07
CA LYS C 59 19.98 5.49 -9.76
C LYS C 59 21.30 5.92 -9.10
N GLY C 60 22.21 6.60 -9.82
CA GLY C 60 23.55 6.95 -9.32
C GLY C 60 24.27 5.73 -8.78
N ARG C 61 24.62 5.74 -7.48
CA ARG C 61 25.55 4.78 -6.83
C ARG C 61 24.77 3.55 -6.36
N PHE C 62 23.43 3.62 -6.37
CA PHE C 62 22.49 2.58 -5.84
C PHE C 62 21.88 1.84 -7.04
N SER C 63 21.88 0.50 -6.97
CA SER C 63 21.11 -0.39 -7.86
C SER C 63 20.26 -1.32 -7.00
N SER C 64 19.11 -1.75 -7.50
CA SER C 64 18.24 -2.76 -6.85
C SER C 64 17.86 -3.82 -7.87
N PHE C 65 18.14 -5.07 -7.52
CA PHE C 65 17.87 -6.27 -8.33
C PHE C 65 16.70 -7.03 -7.69
N LEU C 66 15.90 -7.73 -8.50
CA LEU C 66 14.84 -8.65 -8.02
C LEU C 66 14.85 -9.92 -8.87
N SER C 67 14.94 -11.09 -8.22
CA SER C 67 14.65 -12.43 -8.79
C SER C 67 13.34 -12.98 -8.20
N ARG C 68 12.28 -13.01 -9.00
CA ARG C 68 10.92 -13.49 -8.64
C ARG C 68 10.93 -15.01 -8.38
N SER C 69 11.58 -15.81 -9.22
CA SER C 69 11.66 -17.28 -9.06
C SER C 69 12.58 -17.64 -7.89
N LYS C 70 13.57 -16.81 -7.56
CA LYS C 70 14.48 -17.05 -6.42
C LYS C 70 13.89 -16.47 -5.13
N GLY C 71 12.93 -15.54 -5.22
CA GLY C 71 12.39 -14.82 -4.06
C GLY C 71 13.51 -14.08 -3.34
N TYR C 72 14.20 -13.25 -4.11
CA TYR C 72 15.52 -12.71 -3.75
C TYR C 72 15.61 -11.29 -4.34
N SER C 73 16.07 -10.33 -3.55
CA SER C 73 16.45 -8.97 -4.02
C SER C 73 17.80 -8.61 -3.41
N TYR C 74 18.57 -7.73 -4.05
CA TYR C 74 19.72 -7.08 -3.38
C TYR C 74 19.63 -5.58 -3.63
N LEU C 75 20.17 -4.80 -2.68
CA LEU C 75 20.49 -3.37 -2.86
C LEU C 75 22.04 -3.26 -2.95
N LEU C 76 22.53 -2.79 -4.10
CA LEU C 76 23.97 -2.65 -4.41
C LEU C 76 24.37 -1.18 -4.24
N LEU C 77 25.27 -0.90 -3.29
CA LEU C 77 25.91 0.44 -3.11
C LEU C 77 27.35 0.42 -3.67
N LYS C 78 27.63 1.26 -4.67
CA LYS C 78 28.99 1.45 -5.24
C LYS C 78 29.65 2.69 -4.62
N GLU C 79 31.00 2.77 -4.67
CA GLU C 79 31.79 3.97 -4.28
C GLU C 79 31.29 4.46 -2.90
N LEU C 80 31.30 3.54 -1.92
CA LEU C 80 30.72 3.79 -0.57
C LEU C 80 31.31 5.06 0.06
N GLN C 81 30.45 5.88 0.64
CA GLN C 81 30.80 7.07 1.46
C GLN C 81 30.37 6.82 2.90
N MET C 82 31.04 7.47 3.86
CA MET C 82 30.69 7.43 5.31
C MET C 82 29.19 7.73 5.47
N LYS C 83 28.63 8.62 4.66
CA LYS C 83 27.22 9.05 4.73
C LYS C 83 26.28 7.91 4.30
N ASP C 84 26.80 6.76 3.84
CA ASP C 84 26.01 5.55 3.50
C ASP C 84 25.84 4.65 4.73
N SER C 85 26.50 4.99 5.84
CA SER C 85 26.36 4.34 7.16
C SER C 85 24.92 4.58 7.61
N ALA C 86 24.12 3.52 7.69
CA ALA C 86 22.66 3.59 7.94
C ALA C 86 22.09 2.17 8.06
N SER C 87 20.81 2.06 8.47
CA SER C 87 20.02 0.82 8.32
C SER C 87 19.35 0.84 6.94
N TYR C 88 19.34 -0.29 6.25
CA TYR C 88 18.65 -0.48 4.96
C TYR C 88 17.52 -1.50 5.20
N LEU C 89 16.28 -1.06 5.00
CA LEU C 89 15.06 -1.84 5.32
C LEU C 89 14.47 -2.46 4.03
N CYS C 90 14.39 -3.79 4.03
CA CYS C 90 13.73 -4.60 2.99
C CYS C 90 12.25 -4.78 3.39
N ALA C 91 11.34 -4.58 2.44
CA ALA C 91 9.88 -4.77 2.64
C ALA C 91 9.23 -5.15 1.31
N PHE C 92 8.18 -6.00 1.35
CA PHE C 92 7.38 -6.33 0.15
C PHE C 92 5.87 -6.30 0.48
N LEU C 93 5.08 -6.08 -0.58
CA LEU C 93 3.59 -6.09 -0.59
C LEU C 93 3.12 -7.48 -1.00
N ASP C 94 2.26 -8.11 -0.20
CA ASP C 94 1.64 -9.41 -0.55
C ASP C 94 0.39 -9.13 -1.43
N SER C 95 -0.42 -10.16 -1.68
CA SER C 95 -1.54 -10.07 -2.65
C SER C 95 -2.58 -9.04 -2.17
N ASN C 96 -2.67 -8.84 -0.85
CA ASN C 96 -3.65 -7.93 -0.19
C ASN C 96 -2.98 -6.61 0.23
N TYR C 97 -1.82 -6.28 -0.35
CA TYR C 97 -1.10 -4.98 -0.17
C TYR C 97 -0.66 -4.83 1.30
N GLN C 98 -0.52 -5.93 2.04
CA GLN C 98 0.08 -5.95 3.42
C GLN C 98 1.61 -5.73 3.23
N LEU C 99 2.14 -4.68 3.86
CA LEU C 99 3.57 -4.31 3.74
C LEU C 99 4.33 -5.08 4.83
N ILE C 100 5.08 -6.10 4.42
CA ILE C 100 5.81 -7.07 5.29
C ILE C 100 7.28 -6.57 5.40
N TRP C 101 7.74 -6.19 6.60
CA TRP C 101 9.03 -5.46 6.82
C TRP C 101 10.15 -6.40 7.28
N GLY C 102 11.31 -6.34 6.63
CA GLY C 102 12.53 -6.96 7.16
C GLY C 102 12.94 -6.31 8.47
N ALA C 103 13.69 -7.04 9.30
CA ALA C 103 14.29 -6.53 10.56
C ALA C 103 15.40 -5.49 10.26
N GLY C 104 15.81 -5.33 9.00
CA GLY C 104 16.70 -4.23 8.57
C GLY C 104 18.17 -4.61 8.69
N THR C 105 19.01 -4.06 7.82
CA THR C 105 20.49 -4.32 7.82
C THR C 105 21.24 -3.04 8.24
N LYS C 106 21.93 -3.08 9.35
CA LYS C 106 22.80 -1.94 9.78
C LYS C 106 24.11 -1.98 8.94
N LEU C 107 24.35 -0.97 8.11
CA LEU C 107 25.57 -0.87 7.25
C LEU C 107 26.64 0.01 7.97
N ILE C 108 27.74 -0.61 8.38
CA ILE C 108 28.91 0.13 8.98
C ILE C 108 29.95 0.32 7.88
N ILE C 109 30.30 1.58 7.60
CA ILE C 109 31.41 1.98 6.66
C ILE C 109 32.68 2.26 7.46
N LYS C 110 33.77 1.56 7.15
CA LYS C 110 35.13 1.84 7.70
C LYS C 110 35.81 2.92 6.87
N PRO C 111 36.30 4.02 7.48
CA PRO C 111 37.10 5.01 6.73
C PRO C 111 38.41 4.39 6.23
N ASP C 112 38.85 4.79 5.05
CA ASP C 112 40.20 4.42 4.55
C ASP C 112 41.20 5.35 5.25
N ILE C 113 41.83 4.88 6.33
CA ILE C 113 42.84 5.67 7.10
C ILE C 113 44.20 5.44 6.44
N GLN C 114 44.62 6.39 5.60
CA GLN C 114 45.90 6.37 4.82
C GLN C 114 47.12 6.39 5.77
N ASN C 115 47.08 7.22 6.81
CA ASN C 115 48.27 7.44 7.70
C ASN C 115 47.90 7.13 9.15
N PRO C 116 47.75 5.82 9.49
CA PRO C 116 47.34 5.40 10.83
C PRO C 116 48.42 5.89 11.80
N ASP C 117 47.98 6.48 12.92
CA ASP C 117 48.89 7.05 13.95
C ASP C 117 48.18 6.90 15.30
N PRO C 118 48.07 5.62 15.76
CA PRO C 118 47.31 5.28 16.97
C PRO C 118 47.96 5.78 18.26
N ALA C 119 47.28 6.68 19.00
CA ALA C 119 47.69 7.14 20.34
C ALA C 119 46.47 7.12 21.29
N VAL C 120 46.76 6.98 22.57
CA VAL C 120 45.82 7.28 23.69
C VAL C 120 46.30 8.58 24.35
N TYR C 121 45.37 9.51 24.55
CA TYR C 121 45.68 10.82 25.14
C TYR C 121 44.74 11.12 26.30
N GLN C 122 45.23 11.76 27.36
CA GLN C 122 44.38 12.20 28.51
C GLN C 122 43.99 13.67 28.28
N LEU C 123 42.68 13.97 28.31
CA LEU C 123 42.15 15.35 28.15
C LEU C 123 42.25 16.10 29.49
N ARG C 124 42.43 17.44 29.47
CA ARG C 124 42.20 18.31 30.67
C ARG C 124 40.76 18.11 31.15
N ASP C 125 40.56 17.53 32.32
CA ASP C 125 39.24 17.43 32.98
C ASP C 125 38.78 18.84 33.35
N SER C 126 37.51 18.99 33.75
CA SER C 126 36.79 20.28 33.86
C SER C 126 36.95 20.90 35.24
N LYS C 127 37.06 20.10 36.30
CA LYS C 127 37.19 20.57 37.71
C LYS C 127 36.14 21.66 37.98
N SER C 132 38.41 11.89 35.11
CA SER C 132 39.41 11.76 34.02
C SER C 132 38.81 11.09 32.78
N VAL C 133 38.92 11.75 31.63
CA VAL C 133 38.57 11.27 30.26
C VAL C 133 39.84 10.86 29.49
N CYS C 134 39.78 9.73 28.77
CA CYS C 134 40.85 9.24 27.85
C CYS C 134 40.30 9.12 26.44
N LEU C 135 41.17 9.38 25.45
CA LEU C 135 40.77 9.35 24.01
C LEU C 135 41.74 8.51 23.17
N PHE C 136 41.31 7.36 22.68
CA PHE C 136 42.04 6.48 21.74
C PHE C 136 41.69 6.95 20.33
N THR C 137 42.66 7.50 19.58
CA THR C 137 42.40 8.19 18.28
C THR C 137 43.45 7.80 17.22
N ASP C 138 43.05 7.91 15.95
CA ASP C 138 43.95 7.93 14.75
C ASP C 138 44.38 6.50 14.39
N PHE C 139 43.74 5.49 15.00
CA PHE C 139 44.00 4.04 14.76
C PHE C 139 43.31 3.64 13.44
N ASP C 140 43.74 2.50 12.88
CA ASP C 140 43.28 2.01 11.55
C ASP C 140 41.91 1.34 11.75
N SER C 141 41.08 1.31 10.71
CA SER C 141 39.64 0.94 10.85
C SER C 141 39.50 -0.57 11.16
N GLN C 142 40.57 -1.37 11.02
CA GLN C 142 40.58 -2.83 11.33
C GLN C 142 40.71 -3.07 12.85
N THR C 143 40.86 -2.02 13.67
CA THR C 143 40.98 -2.16 15.15
C THR C 143 39.57 -2.08 15.76
N ASN C 144 39.21 -3.09 16.57
CA ASN C 144 37.93 -3.13 17.31
C ASN C 144 38.18 -2.67 18.74
N VAL C 145 37.41 -1.68 19.19
CA VAL C 145 37.43 -1.21 20.60
C VAL C 145 36.45 -2.08 21.40
N SER C 146 36.98 -3.03 22.17
CA SER C 146 36.24 -3.79 23.22
C SER C 146 36.07 -2.89 24.46
N GLN C 147 34.89 -2.90 25.09
CA GLN C 147 34.70 -2.36 26.47
C GLN C 147 35.37 -3.34 27.42
N SER C 148 35.98 -2.88 28.51
CA SER C 148 36.66 -3.75 29.51
C SER C 148 35.60 -4.39 30.40
N LYS C 149 35.99 -5.34 31.25
CA LYS C 149 35.09 -5.97 32.26
C LYS C 149 34.80 -4.95 33.36
N ASP C 150 35.86 -4.33 33.91
CA ASP C 150 35.81 -3.34 35.03
C ASP C 150 34.62 -2.39 34.83
N SER C 151 33.58 -2.54 35.68
CA SER C 151 32.26 -1.84 35.58
C SER C 151 32.32 -0.43 36.20
N ASP C 152 33.48 -0.02 36.75
CA ASP C 152 33.76 1.38 37.17
C ASP C 152 34.45 2.13 36.02
N VAL C 153 34.66 1.48 34.86
CA VAL C 153 35.32 2.07 33.66
C VAL C 153 34.40 1.92 32.45
N TYR C 154 34.01 3.04 31.83
CA TYR C 154 33.10 3.12 30.67
C TYR C 154 33.92 3.35 29.41
N ILE C 155 33.59 2.64 28.33
CA ILE C 155 34.27 2.76 27.00
C ILE C 155 33.19 2.82 25.92
N THR C 156 33.23 3.86 25.09
CA THR C 156 32.30 4.08 23.96
C THR C 156 32.75 3.20 22.80
N ASP C 157 31.85 2.97 21.84
CA ASP C 157 32.14 2.37 20.52
C ASP C 157 33.07 3.30 19.76
N LYS C 158 33.70 2.82 18.70
CA LYS C 158 34.49 3.71 17.82
C LYS C 158 33.50 4.61 17.08
N CYS C 159 33.88 5.87 16.95
CA CYS C 159 33.18 6.98 16.27
C CYS C 159 34.10 7.51 15.16
N VAL C 160 33.55 7.78 13.97
CA VAL C 160 34.35 8.27 12.81
C VAL C 160 34.09 9.77 12.70
N LEU C 161 35.11 10.62 12.86
CA LEU C 161 34.90 12.08 12.66
C LEU C 161 35.57 12.49 11.36
N ASP C 162 35.00 13.48 10.70
CA ASP C 162 35.42 13.95 9.35
C ASP C 162 35.75 15.44 9.49
N MET C 163 37.04 15.75 9.57
CA MET C 163 37.49 17.15 9.71
C MET C 163 37.68 17.71 8.31
N ARG C 164 36.61 18.23 7.71
CA ARG C 164 36.71 18.71 6.33
C ARG C 164 37.72 19.87 6.30
N SER C 165 37.99 20.47 7.47
CA SER C 165 38.95 21.60 7.59
C SER C 165 40.36 21.16 7.18
N MET C 166 40.60 19.86 7.17
CA MET C 166 41.94 19.33 6.82
C MET C 166 41.74 18.06 5.99
N ASP C 167 40.65 18.00 5.22
CA ASP C 167 40.34 16.76 4.46
C ASP C 167 40.88 15.56 5.22
N PHE C 168 40.50 15.42 6.48
CA PHE C 168 41.06 14.35 7.32
C PHE C 168 39.94 13.56 7.99
N LYS C 169 40.07 12.24 8.03
CA LYS C 169 39.09 11.41 8.77
C LYS C 169 39.84 10.67 9.87
N SER C 170 39.20 10.42 11.01
CA SER C 170 39.83 9.69 12.12
C SER C 170 38.80 8.89 12.92
N ASN C 171 39.15 7.67 13.25
CA ASN C 171 38.50 6.86 14.32
C ASN C 171 38.90 7.44 15.69
N SER C 172 38.01 7.30 16.67
CA SER C 172 38.26 7.52 18.11
C SER C 172 37.27 6.71 18.95
N ALA C 173 37.67 6.38 20.18
CA ALA C 173 36.79 5.91 21.27
C ALA C 173 37.21 6.64 22.54
N VAL C 174 36.25 6.87 23.43
CA VAL C 174 36.47 7.57 24.73
C VAL C 174 36.29 6.58 25.86
N ALA C 175 37.13 6.68 26.89
CA ALA C 175 36.99 5.93 28.15
C ALA C 175 37.04 6.93 29.31
N TRP C 176 36.37 6.60 30.42
CA TRP C 176 36.31 7.50 31.60
C TRP C 176 35.98 6.70 32.87
N SER C 177 36.30 7.30 34.01
CA SER C 177 36.11 6.74 35.37
C SER C 177 36.40 7.85 36.39
N ASN C 178 35.98 7.65 37.64
CA ASN C 178 36.19 8.57 38.79
C ASN C 178 37.20 7.95 39.74
N LYS C 179 37.56 6.68 39.52
CA LYS C 179 38.53 5.92 40.35
C LYS C 179 39.85 6.70 40.39
N SER C 180 40.37 6.99 41.57
CA SER C 180 41.69 7.68 41.75
C SER C 180 42.81 6.77 41.24
N ASP C 181 42.52 5.48 40.99
CA ASP C 181 43.44 4.46 40.42
C ASP C 181 42.93 4.06 39.04
N PHE C 182 43.36 4.78 38.00
CA PHE C 182 42.86 4.61 36.61
C PHE C 182 43.74 5.43 35.65
N ALA C 183 44.45 4.72 34.77
CA ALA C 183 45.44 5.31 33.84
C ALA C 183 44.92 5.15 32.40
N CYS C 184 45.14 6.17 31.57
CA CYS C 184 44.67 6.20 30.16
C CYS C 184 45.49 5.22 29.33
N ALA C 185 46.82 5.22 29.49
CA ALA C 185 47.72 4.17 28.98
C ALA C 185 47.15 2.79 29.38
N ASN C 186 47.03 1.86 28.44
CA ASN C 186 46.55 0.46 28.69
C ASN C 186 45.12 0.42 29.24
N ALA C 187 44.31 1.47 29.05
CA ALA C 187 42.91 1.53 29.50
C ALA C 187 42.00 0.89 28.43
N PHE C 188 42.47 0.81 27.18
CA PHE C 188 41.68 0.38 26.00
C PHE C 188 42.00 -1.09 25.64
N ASN C 189 42.23 -1.95 26.65
CA ASN C 189 42.01 -3.43 26.57
C ASN C 189 42.18 -4.08 27.95
N ASN D 1 5.76 21.22 -0.14
CA ASN D 1 5.00 20.56 0.98
C ASN D 1 5.95 20.13 2.10
N ALA D 2 5.44 20.17 3.34
CA ALA D 2 6.14 19.79 4.59
C ALA D 2 6.46 18.29 4.60
N GLY D 3 5.60 17.47 3.98
CA GLY D 3 5.60 15.99 4.12
C GLY D 3 4.81 15.58 5.34
N VAL D 4 5.36 14.72 6.18
CA VAL D 4 4.69 14.16 7.39
C VAL D 4 5.25 14.84 8.63
N THR D 5 4.40 15.52 9.39
CA THR D 5 4.72 16.20 10.69
C THR D 5 4.16 15.40 11.87
N GLN D 6 5.05 14.84 12.69
CA GLN D 6 4.77 13.95 13.84
C GLN D 6 5.31 14.61 15.11
N THR D 7 4.51 14.72 16.17
CA THR D 7 4.90 15.30 17.49
C THR D 7 4.33 14.47 18.63
N PRO D 8 4.98 14.45 19.82
CA PRO D 8 6.30 15.08 20.03
C PRO D 8 7.42 14.16 19.53
N LYS D 9 8.67 14.63 19.55
CA LYS D 9 9.83 13.79 19.16
C LYS D 9 10.16 12.85 20.33
N PHE D 10 9.93 13.30 21.55
CA PHE D 10 10.29 12.56 22.78
C PHE D 10 9.15 12.67 23.80
N GLN D 11 9.01 11.64 24.64
CA GLN D 11 7.97 11.62 25.69
C GLN D 11 8.35 10.55 26.70
N VAL D 12 8.32 10.92 27.97
CA VAL D 12 8.36 9.95 29.10
C VAL D 12 6.94 9.92 29.66
N LEU D 13 6.45 8.74 30.05
CA LEU D 13 5.15 8.61 30.72
C LEU D 13 5.33 7.73 31.94
N LYS D 14 4.48 7.90 32.94
CA LYS D 14 4.34 6.94 34.07
C LYS D 14 3.32 5.86 33.65
N THR D 15 3.49 4.63 34.17
CA THR D 15 2.57 3.50 33.96
C THR D 15 1.16 4.03 34.27
N GLY D 16 0.27 4.01 33.29
CA GLY D 16 -1.17 4.29 33.50
C GLY D 16 -1.57 5.59 32.83
N GLN D 17 -0.62 6.46 32.48
CA GLN D 17 -0.98 7.71 31.74
C GLN D 17 -1.41 7.36 30.31
N SER D 18 -2.24 8.25 29.77
CA SER D 18 -2.65 8.26 28.34
C SER D 18 -1.86 9.36 27.65
N MET D 19 -1.82 9.31 26.33
CA MET D 19 -0.96 10.20 25.51
C MET D 19 -1.50 10.14 24.09
N THR D 20 -1.53 11.28 23.40
CA THR D 20 -1.83 11.34 21.95
C THR D 20 -0.60 11.77 21.17
N LEU D 21 -0.14 10.93 20.25
CA LEU D 21 0.87 11.31 19.24
C LEU D 21 0.12 11.91 18.06
N GLN D 22 0.44 13.16 17.73
CA GLN D 22 -0.15 13.90 16.58
C GLN D 22 0.64 13.55 15.33
N CYS D 23 -0.06 13.48 14.21
CA CYS D 23 0.53 13.27 12.87
C CYS D 23 -0.35 13.88 11.78
N ALA D 24 0.25 14.69 10.92
CA ALA D 24 -0.42 15.42 9.83
C ALA D 24 0.42 15.33 8.56
N GLN D 25 -0.24 15.28 7.40
CA GLN D 25 0.42 15.38 6.08
C GLN D 25 -0.44 16.28 5.19
N ASP D 26 0.23 17.14 4.41
CA ASP D 26 -0.37 18.14 3.50
C ASP D 26 -0.19 17.65 2.07
N MET D 27 -0.11 16.33 1.86
CA MET D 27 0.20 15.74 0.53
C MET D 27 -1.04 15.09 -0.08
N ASN D 28 -2.21 15.28 0.53
CA ASN D 28 -3.49 14.70 0.05
C ASN D 28 -3.38 13.19 -0.07
N HIS D 29 -2.64 12.53 0.84
CA HIS D 29 -2.44 11.06 0.79
C HIS D 29 -3.67 10.37 1.40
N ASN D 30 -4.08 9.25 0.83
CA ASN D 30 -5.25 8.45 1.29
C ASN D 30 -4.85 7.55 2.45
N TYR D 31 -3.63 7.00 2.40
CA TYR D 31 -3.11 6.02 3.39
C TYR D 31 -2.24 6.73 4.42
N MET D 32 -2.58 6.50 5.69
CA MET D 32 -1.74 6.87 6.85
C MET D 32 -1.61 5.62 7.73
N TYR D 33 -0.47 5.49 8.40
CA TYR D 33 -0.02 4.28 9.11
C TYR D 33 0.61 4.70 10.44
N TRP D 34 0.48 3.87 11.47
CA TRP D 34 1.29 3.96 12.71
C TRP D 34 2.04 2.64 12.88
N TYR D 35 3.36 2.76 13.05
CA TYR D 35 4.34 1.68 13.28
C TYR D 35 5.06 1.90 14.61
N ARG D 36 5.45 0.81 15.29
CA ARG D 36 6.49 0.86 16.35
C ARG D 36 7.72 0.11 15.83
N GLN D 37 8.91 0.65 16.11
CA GLN D 37 10.20 0.01 15.77
C GLN D 37 10.89 -0.39 17.06
N ASP D 38 11.13 -1.69 17.26
CA ASP D 38 11.79 -2.23 18.46
C ASP D 38 13.05 -2.96 18.00
N PRO D 39 14.15 -2.94 18.80
CA PRO D 39 15.40 -3.60 18.40
C PRO D 39 15.19 -5.05 17.95
N GLY D 40 15.86 -5.45 16.86
CA GLY D 40 15.91 -6.84 16.39
C GLY D 40 14.62 -7.31 15.73
N MET D 41 13.74 -6.42 15.28
CA MET D 41 12.58 -6.85 14.45
C MET D 41 12.11 -5.75 13.50
N GLY D 42 11.34 -6.16 12.49
CA GLY D 42 10.75 -5.29 11.47
C GLY D 42 9.80 -4.28 12.08
N LEU D 43 9.59 -3.15 11.40
CA LEU D 43 8.50 -2.19 11.69
C LEU D 43 7.23 -3.01 11.89
N ARG D 44 6.47 -2.73 12.95
CA ARG D 44 5.18 -3.43 13.24
C ARG D 44 4.03 -2.43 13.16
N LEU D 45 3.03 -2.75 12.32
CA LEU D 45 1.87 -1.88 12.06
C LEU D 45 0.97 -1.94 13.31
N ILE D 46 0.64 -0.78 13.87
CA ILE D 46 -0.30 -0.65 15.00
C ILE D 46 -1.71 -0.51 14.43
N TYR D 47 -1.93 0.52 13.61
CA TYR D 47 -3.22 0.86 12.94
C TYR D 47 -2.88 1.52 11.59
N TYR D 48 -3.83 1.49 10.65
CA TYR D 48 -3.74 2.20 9.36
C TYR D 48 -5.13 2.77 9.03
N SER D 49 -5.16 3.69 8.06
CA SER D 49 -6.42 4.25 7.53
C SER D 49 -6.28 4.40 6.01
N ALA D 50 -7.16 3.72 5.26
CA ALA D 50 -7.15 3.68 3.78
C ALA D 50 -7.71 4.98 3.21
N SER D 51 -8.31 5.82 4.07
CA SER D 51 -8.88 7.12 3.65
C SER D 51 -9.53 7.82 4.89
N GLU D 52 -9.89 9.11 4.75
CA GLU D 52 -10.72 9.79 5.80
C GLU D 52 -12.03 9.02 5.93
N GLY D 53 -12.47 8.78 7.18
CA GLY D 53 -13.72 8.09 7.50
C GLY D 53 -13.50 6.62 7.81
N THR D 54 -12.30 6.07 7.63
CA THR D 54 -12.08 4.65 8.00
C THR D 54 -10.69 4.44 8.65
N THR D 55 -10.60 3.44 9.50
CA THR D 55 -9.34 2.99 10.16
C THR D 55 -9.46 1.48 10.33
N ASP D 56 -8.35 0.79 10.51
CA ASP D 56 -8.36 -0.67 10.74
C ASP D 56 -7.13 -1.05 11.55
N LYS D 57 -7.23 -2.14 12.30
CA LYS D 57 -6.15 -2.72 13.15
C LYS D 57 -4.97 -3.19 12.28
N GLY D 58 -3.76 -2.92 12.74
CA GLY D 58 -2.53 -3.52 12.18
C GLY D 58 -2.28 -4.88 12.80
N GLU D 59 -1.02 -5.21 13.07
CA GLU D 59 -0.52 -6.49 13.62
C GLU D 59 -0.51 -6.40 15.15
N VAL D 60 -0.29 -5.21 15.74
CA VAL D 60 -0.15 -5.02 17.22
C VAL D 60 -1.03 -3.87 17.69
N PRO D 61 -2.36 -3.92 17.43
CA PRO D 61 -3.24 -2.82 17.82
C PRO D 61 -3.54 -2.67 19.33
N ASN D 62 -3.30 -3.71 20.15
CA ASN D 62 -3.73 -3.71 21.58
C ASN D 62 -2.97 -2.61 22.36
N GLY D 63 -3.71 -1.79 23.13
CA GLY D 63 -3.18 -0.70 23.97
C GLY D 63 -3.30 0.66 23.29
N TYR D 64 -3.69 0.68 22.02
CA TYR D 64 -3.74 1.92 21.19
C TYR D 64 -5.13 2.08 20.57
N ASN D 65 -5.52 3.32 20.26
CA ASN D 65 -6.62 3.62 19.30
C ASN D 65 -6.19 4.80 18.41
N VAL D 66 -6.84 4.95 17.26
CA VAL D 66 -6.60 6.02 16.25
C VAL D 66 -7.94 6.62 15.83
N SER D 67 -7.93 7.74 15.13
CA SER D 67 -9.12 8.27 14.42
C SER D 67 -8.65 8.91 13.11
N ARG D 68 -9.51 8.98 12.11
CA ARG D 68 -9.19 9.66 10.82
C ARG D 68 -10.46 10.37 10.35
N SER D 69 -10.85 11.46 11.01
CA SER D 69 -12.03 12.27 10.63
C SER D 69 -11.61 13.31 9.58
N THR D 70 -10.31 13.42 9.28
CA THR D 70 -9.76 14.29 8.19
C THR D 70 -8.73 13.54 7.35
N THR D 71 -8.56 13.91 6.08
CA THR D 71 -7.45 13.40 5.22
C THR D 71 -6.10 13.68 5.93
N GLU D 72 -5.95 14.84 6.55
CA GLU D 72 -4.64 15.42 6.96
C GLU D 72 -4.09 14.70 8.21
N ASP D 73 -4.94 14.41 9.20
CA ASP D 73 -4.46 14.02 10.57
C ASP D 73 -4.80 12.56 10.87
N PHE D 74 -3.87 11.88 11.57
CA PHE D 74 -4.03 10.49 12.06
C PHE D 74 -3.42 10.39 13.45
N PRO D 75 -4.12 10.89 14.48
CA PRO D 75 -3.65 10.79 15.87
C PRO D 75 -3.70 9.36 16.42
N LEU D 76 -2.64 8.96 17.11
CA LEU D 76 -2.49 7.66 17.83
C LEU D 76 -2.66 7.96 19.31
N ARG D 77 -3.58 7.28 20.00
CA ARG D 77 -3.79 7.45 21.46
C ARG D 77 -3.30 6.17 22.14
N LEU D 78 -2.39 6.35 23.12
CA LEU D 78 -1.96 5.32 24.09
C LEU D 78 -2.99 5.36 25.21
N LEU D 79 -3.68 4.24 25.46
CA LEU D 79 -4.88 4.24 26.33
C LEU D 79 -4.45 4.29 27.80
N SER D 80 -3.38 3.56 28.14
CA SER D 80 -2.91 3.31 29.52
C SER D 80 -1.46 2.83 29.42
N ALA D 81 -0.52 3.77 29.50
CA ALA D 81 0.93 3.56 29.27
C ALA D 81 1.37 2.32 30.04
N ALA D 82 2.00 1.37 29.34
CA ALA D 82 2.66 0.17 29.92
C ALA D 82 4.12 0.13 29.49
N PRO D 83 5.03 -0.42 30.33
CA PRO D 83 6.46 -0.51 29.98
C PRO D 83 6.69 -1.15 28.60
N SER D 84 5.89 -2.16 28.24
CA SER D 84 5.94 -2.87 26.95
C SER D 84 5.77 -1.89 25.80
N GLN D 85 5.23 -0.69 26.07
CA GLN D 85 5.01 0.33 25.02
C GLN D 85 6.25 1.24 24.86
N THR D 86 7.32 1.05 25.64
CA THR D 86 8.62 1.74 25.43
C THR D 86 9.13 1.32 24.05
N SER D 87 9.30 2.29 23.14
CA SER D 87 9.53 2.06 21.70
C SER D 87 9.82 3.39 21.01
N VAL D 88 10.12 3.31 19.71
CA VAL D 88 10.09 4.46 18.76
C VAL D 88 8.89 4.26 17.81
N TYR D 89 8.01 5.27 17.78
CA TYR D 89 6.78 5.32 16.94
C TYR D 89 7.05 6.18 15.71
N PHE D 90 6.65 5.67 14.53
CA PHE D 90 6.68 6.41 13.25
C PHE D 90 5.28 6.44 12.63
N CYS D 91 4.78 7.63 12.39
CA CYS D 91 3.65 7.93 11.49
C CYS D 91 4.16 7.89 10.04
N ALA D 92 3.41 7.29 9.12
CA ALA D 92 3.70 7.31 7.67
C ALA D 92 2.41 7.59 6.87
N SER D 93 2.60 8.05 5.64
CA SER D 93 1.52 8.20 4.63
C SER D 93 2.01 7.64 3.29
N SER D 94 1.07 7.25 2.44
CA SER D 94 1.30 6.89 1.03
C SER D 94 0.08 7.33 0.22
N ASN D 95 0.30 7.65 -1.04
CA ASN D 95 -0.79 8.11 -1.95
C ASN D 95 -1.82 6.99 -2.05
N ARG D 96 -1.33 5.75 -2.20
CA ARG D 96 -2.13 4.52 -2.47
C ARG D 96 -1.58 3.35 -1.66
N GLU D 97 -2.24 2.19 -1.69
CA GLU D 97 -1.85 1.01 -0.86
C GLU D 97 -0.53 0.39 -1.36
N TYR D 98 -0.13 0.69 -2.59
CA TYR D 98 1.08 0.12 -3.23
C TYR D 98 2.15 1.20 -3.47
N SER D 99 1.91 2.47 -3.08
CA SER D 99 2.90 3.56 -3.34
C SER D 99 3.87 3.68 -2.18
N PRO D 100 5.04 4.32 -2.42
CA PRO D 100 6.04 4.49 -1.37
C PRO D 100 5.54 5.27 -0.14
N LEU D 101 5.93 4.81 1.06
CA LEU D 101 5.58 5.48 2.33
C LEU D 101 6.50 6.68 2.54
N HIS D 102 5.92 7.79 3.00
CA HIS D 102 6.58 9.01 3.49
C HIS D 102 6.48 8.97 5.03
N PHE D 103 7.61 9.08 5.74
CA PHE D 103 7.64 8.87 7.21
C PHE D 103 7.77 10.21 7.95
N GLY D 104 7.09 10.30 9.10
CA GLY D 104 7.32 11.32 10.13
C GLY D 104 8.68 11.13 10.79
N ASN D 105 9.14 12.08 11.59
CA ASN D 105 10.49 12.03 12.19
C ASN D 105 10.49 11.17 13.45
N GLY D 106 9.34 10.62 13.85
CA GLY D 106 9.33 9.61 14.91
C GLY D 106 9.10 10.24 16.27
N THR D 107 8.71 9.38 17.22
CA THR D 107 8.45 9.72 18.64
C THR D 107 9.17 8.66 19.45
N ARG D 108 10.23 9.04 20.18
CA ARG D 108 10.89 8.12 21.13
C ARG D 108 10.11 8.20 22.45
N LEU D 109 9.59 7.05 22.89
CA LEU D 109 8.66 6.97 24.04
C LEU D 109 9.23 5.98 25.07
N THR D 110 9.36 6.44 26.31
CA THR D 110 9.78 5.61 27.48
C THR D 110 8.66 5.67 28.54
N VAL D 111 8.19 4.50 28.97
CA VAL D 111 7.24 4.37 30.08
C VAL D 111 7.98 3.81 31.28
N THR D 112 7.88 4.47 32.43
CA THR D 112 8.50 4.03 33.71
C THR D 112 7.37 3.87 34.74
N GLU D 113 7.50 2.91 35.63
CA GLU D 113 6.54 2.70 36.74
C GLU D 113 6.66 3.84 37.77
N ASP D 114 7.71 4.69 37.72
CA ASP D 114 7.96 5.72 38.77
C ASP D 114 8.80 6.88 38.21
N LEU D 115 8.25 8.10 38.21
CA LEU D 115 8.88 9.32 37.65
C LEU D 115 10.09 9.75 38.49
N ASN D 116 10.25 9.22 39.71
CA ASN D 116 11.44 9.47 40.58
C ASN D 116 12.68 8.88 39.89
N LYS D 117 12.51 8.12 38.80
CA LYS D 117 13.65 7.52 38.05
C LYS D 117 14.14 8.49 36.97
N VAL D 118 13.49 9.64 36.78
CA VAL D 118 13.86 10.61 35.71
C VAL D 118 14.96 11.54 36.24
N PHE D 119 16.06 11.70 35.49
CA PHE D 119 17.23 12.56 35.84
C PHE D 119 17.73 13.29 34.60
N PRO D 120 18.03 14.62 34.74
CA PRO D 120 18.60 15.42 33.66
C PRO D 120 20.08 15.04 33.57
N PRO D 121 20.76 15.28 32.44
CA PRO D 121 22.16 14.90 32.29
C PRO D 121 23.01 15.90 33.09
N GLU D 122 24.07 15.42 33.72
CA GLU D 122 25.24 16.28 34.04
C GLU D 122 26.12 16.36 32.79
N VAL D 123 26.66 17.55 32.49
CA VAL D 123 27.38 17.83 31.22
C VAL D 123 28.73 18.49 31.55
N ALA D 124 29.82 17.96 30.98
CA ALA D 124 31.19 18.46 31.18
C ALA D 124 32.00 18.35 29.87
N VAL D 125 32.80 19.39 29.61
CA VAL D 125 33.70 19.50 28.44
C VAL D 125 35.11 19.34 28.97
N PHE D 126 35.90 18.48 28.32
CA PHE D 126 37.28 18.11 28.69
C PHE D 126 38.19 18.67 27.58
N GLU D 127 39.06 19.60 27.96
CA GLU D 127 39.90 20.32 26.98
C GLU D 127 40.84 19.25 26.33
N PRO D 128 41.48 19.65 25.19
CA PRO D 128 42.35 18.73 24.46
C PRO D 128 43.72 18.45 25.09
N SER D 129 44.31 17.30 24.75
CA SER D 129 45.63 16.90 25.29
C SER D 129 46.76 17.70 24.65
N GLU D 130 47.65 18.24 25.48
CA GLU D 130 48.86 18.96 24.97
C GLU D 130 49.66 18.02 24.07
N ALA D 131 49.74 16.75 24.43
CA ALA D 131 50.45 15.75 23.61
C ALA D 131 49.83 15.62 22.21
N GLU D 132 48.49 15.57 22.11
CA GLU D 132 47.83 15.47 20.79
C GLU D 132 48.18 16.73 20.00
N ILE D 133 47.98 17.89 20.60
CA ILE D 133 48.26 19.18 19.90
C ILE D 133 49.70 19.20 19.38
N SER D 134 50.62 18.60 20.12
CA SER D 134 52.06 18.59 19.73
C SER D 134 52.31 17.57 18.63
N HIS D 135 51.76 16.37 18.76
CA HIS D 135 52.06 15.28 17.79
C HIS D 135 51.21 15.32 16.53
N THR D 136 50.07 16.04 16.52
CA THR D 136 49.15 15.97 15.37
C THR D 136 48.79 17.36 14.86
N GLN D 137 49.05 18.41 15.64
CA GLN D 137 48.62 19.78 15.26
CA GLN D 137 48.62 19.78 15.25
C GLN D 137 47.08 19.89 15.18
N LYS D 138 46.45 18.93 15.86
CA LYS D 138 44.96 18.92 15.90
C LYS D 138 44.54 18.86 17.36
N ALA D 139 43.30 19.25 17.67
CA ALA D 139 42.84 19.30 19.08
C ALA D 139 41.42 18.70 19.22
N THR D 140 41.26 17.70 20.08
CA THR D 140 39.97 17.00 20.23
C THR D 140 39.31 17.32 21.58
N LEU D 141 38.26 18.14 21.58
CA LEU D 141 37.46 18.39 22.80
C LEU D 141 36.55 17.18 22.98
N VAL D 142 36.37 16.70 24.21
CA VAL D 142 35.36 15.64 24.52
C VAL D 142 34.29 16.25 25.42
N CYS D 143 33.03 15.98 25.11
CA CYS D 143 31.84 16.31 25.93
C CYS D 143 31.18 15.02 26.46
N LEU D 144 30.82 15.05 27.74
CA LEU D 144 30.32 13.89 28.51
C LEU D 144 29.00 14.29 29.17
N ALA D 145 27.89 13.74 28.67
CA ALA D 145 26.56 13.83 29.30
C ALA D 145 26.37 12.53 30.09
N THR D 146 26.22 12.61 31.41
CA THR D 146 26.14 11.42 32.31
C THR D 146 24.89 11.51 33.20
N GLY D 147 24.45 10.35 33.71
CA GLY D 147 23.45 10.26 34.79
C GLY D 147 22.02 10.57 34.33
N PHE D 148 21.73 10.66 33.02
CA PHE D 148 20.37 11.06 32.54
C PHE D 148 19.47 9.83 32.36
N TYR D 149 18.16 10.03 32.54
CA TYR D 149 17.07 9.04 32.32
C TYR D 149 15.78 9.80 32.08
N PRO D 150 14.99 9.51 31.02
CA PRO D 150 15.30 8.45 30.05
C PRO D 150 16.37 8.85 29.04
N ASP D 151 16.69 7.97 28.08
CA ASP D 151 17.67 8.21 26.99
CA ASP D 151 17.67 8.21 26.98
C ASP D 151 17.06 9.13 25.92
N HIS D 152 16.61 10.32 26.32
CA HIS D 152 15.96 11.31 25.43
C HIS D 152 16.79 12.60 25.44
N VAL D 153 17.85 12.63 24.63
CA VAL D 153 18.80 13.79 24.55
C VAL D 153 19.23 14.04 23.11
N GLU D 154 19.50 15.31 22.82
CA GLU D 154 20.11 15.81 21.57
C GLU D 154 21.33 16.64 21.98
N LEU D 155 22.51 16.19 21.58
CA LEU D 155 23.80 16.85 21.91
C LEU D 155 24.24 17.66 20.70
N SER D 156 24.50 18.96 20.91
CA SER D 156 25.01 19.87 19.86
C SER D 156 26.25 20.63 20.37
N TRP D 157 27.17 20.93 19.45
CA TRP D 157 28.35 21.80 19.65
C TRP D 157 28.10 23.19 19.08
N TRP D 158 28.39 24.21 19.89
CA TRP D 158 28.34 25.63 19.51
C TRP D 158 29.74 26.22 19.65
N VAL D 159 30.19 26.92 18.61
CA VAL D 159 31.42 27.77 18.63
C VAL D 159 31.01 29.23 18.41
N ASN D 160 31.35 30.08 19.40
CA ASN D 160 31.09 31.55 19.39
C ASN D 160 29.55 31.76 19.30
N GLY D 161 28.80 30.84 19.93
CA GLY D 161 27.32 30.83 20.03
C GLY D 161 26.65 30.51 18.70
N LYS D 162 27.26 29.62 17.90
CA LYS D 162 26.74 29.17 16.57
C LYS D 162 27.02 27.68 16.41
N GLU D 163 25.98 26.87 16.09
CA GLU D 163 26.13 25.39 15.98
C GLU D 163 27.13 25.04 14.88
N VAL D 164 27.92 23.97 15.06
CA VAL D 164 28.90 23.43 14.06
C VAL D 164 28.64 21.94 13.84
N HIS D 165 29.03 21.39 12.69
CA HIS D 165 28.88 19.96 12.34
C HIS D 165 30.21 19.31 11.95
N SER D 166 31.01 19.99 11.14
CA SER D 166 32.30 19.44 10.65
C SER D 166 33.21 19.18 11.87
N GLY D 167 33.91 18.05 11.89
CA GLY D 167 34.83 17.67 12.98
C GLY D 167 34.11 17.12 14.19
N VAL D 168 32.79 16.92 14.11
CA VAL D 168 31.99 16.40 15.25
C VAL D 168 31.70 14.92 15.02
N CYS D 169 31.83 14.09 16.05
CA CYS D 169 31.25 12.72 16.14
C CYS D 169 30.64 12.50 17.53
N THR D 170 29.36 12.14 17.57
CA THR D 170 28.60 11.83 18.81
C THR D 170 28.26 10.35 18.82
N ASP D 171 28.37 9.67 19.97
CA ASP D 171 27.97 8.24 20.09
C ASP D 171 26.56 8.13 19.51
N PRO D 172 26.30 7.17 18.60
CA PRO D 172 24.96 7.02 18.04
C PRO D 172 23.99 6.51 19.12
N GLN D 173 24.47 5.69 20.07
CA GLN D 173 23.67 5.13 21.18
C GLN D 173 24.37 5.38 22.52
N PRO D 174 23.66 5.98 23.50
CA PRO D 174 24.12 6.06 24.89
C PRO D 174 24.60 4.74 25.53
N LEU D 175 25.45 4.86 26.55
CA LEU D 175 26.01 3.74 27.36
C LEU D 175 25.10 3.58 28.58
N LYS D 176 25.03 2.40 29.20
CA LYS D 176 24.29 2.24 30.48
C LYS D 176 25.30 2.33 31.62
N GLU D 177 25.04 3.19 32.60
CA GLU D 177 25.94 3.35 33.77
C GLU D 177 25.86 2.08 34.63
N GLN D 178 24.70 1.39 34.60
CA GLN D 178 24.49 0.09 35.30
C GLN D 178 23.80 -0.89 34.37
N PRO D 179 24.55 -1.70 33.58
CA PRO D 179 23.97 -2.57 32.57
C PRO D 179 22.90 -3.55 33.08
N ALA D 180 23.01 -3.98 34.34
CA ALA D 180 22.07 -4.91 35.02
C ALA D 180 20.69 -4.25 35.18
N LEU D 181 20.65 -3.14 35.91
CA LEU D 181 19.41 -2.37 36.26
C LEU D 181 18.61 -2.06 34.99
N ASN D 182 17.28 -2.06 35.08
CA ASN D 182 16.35 -1.91 33.92
C ASN D 182 15.98 -0.43 33.72
N ASP D 183 16.13 0.38 34.77
CA ASP D 183 15.98 1.86 34.74
C ASP D 183 17.37 2.49 34.97
N SER D 184 18.43 1.82 34.49
CA SER D 184 19.82 2.32 34.48
C SER D 184 19.82 3.73 33.88
N ARG D 185 20.54 4.65 34.51
CA ARG D 185 20.76 6.00 33.94
C ARG D 185 21.78 5.86 32.80
N TYR D 186 21.82 6.84 31.91
CA TYR D 186 22.58 6.77 30.62
C TYR D 186 23.75 7.76 30.63
N ALA D 187 24.76 7.48 29.80
CA ALA D 187 25.93 8.35 29.53
C ALA D 187 26.14 8.46 28.03
N LEU D 188 26.47 9.64 27.54
CA LEU D 188 26.69 9.89 26.10
C LEU D 188 27.96 10.73 25.92
N SER D 189 28.86 10.33 25.01
CA SER D 189 30.10 11.10 24.72
C SER D 189 30.00 11.68 23.30
N SER D 190 30.76 12.77 23.09
CA SER D 190 30.94 13.44 21.80
C SER D 190 32.35 14.06 21.72
N ARG D 191 32.89 14.13 20.51
CA ARG D 191 34.16 14.84 20.21
C ARG D 191 33.88 15.95 19.19
N LEU D 192 34.56 17.08 19.35
CA LEU D 192 34.74 18.14 18.34
C LEU D 192 36.24 18.31 18.11
N ARG D 193 36.71 17.92 16.92
CA ARG D 193 38.16 18.03 16.57
C ARG D 193 38.38 19.24 15.67
N VAL D 194 39.35 20.07 16.07
CA VAL D 194 39.71 21.30 15.33
C VAL D 194 41.23 21.39 15.25
N SER D 195 41.74 22.32 14.46
CA SER D 195 43.20 22.56 14.35
C SER D 195 43.72 23.07 15.69
N ALA D 196 44.97 22.76 16.01
CA ALA D 196 45.58 23.29 17.25
C ALA D 196 45.48 24.80 17.23
N THR D 197 45.65 25.39 16.04
CA THR D 197 45.58 26.87 15.90
C THR D 197 44.22 27.39 16.38
N PHE D 198 43.12 26.82 15.88
CA PHE D 198 41.76 27.28 16.26
C PHE D 198 41.58 27.19 17.77
N TRP D 199 41.95 26.05 18.36
CA TRP D 199 41.86 25.89 19.82
C TRP D 199 42.73 26.91 20.54
N GLN D 200 43.80 27.38 19.91
CA GLN D 200 44.75 28.29 20.61
C GLN D 200 44.23 29.73 20.57
N ASP D 201 43.25 30.00 19.71
CA ASP D 201 42.71 31.38 19.56
C ASP D 201 41.82 31.68 20.77
N PRO D 202 42.19 32.63 21.65
CA PRO D 202 41.40 32.91 22.84
C PRO D 202 40.06 33.64 22.56
N ARG D 203 39.79 33.93 21.28
CA ARG D 203 38.55 34.58 20.78
C ARG D 203 37.49 33.53 20.47
N ASN D 204 37.88 32.24 20.48
CA ASN D 204 36.98 31.09 20.22
C ASN D 204 36.43 30.56 21.54
N HIS D 205 35.10 30.52 21.63
CA HIS D 205 34.30 30.00 22.77
C HIS D 205 33.63 28.71 22.30
N PHE D 206 33.82 27.61 23.03
CA PHE D 206 33.26 26.27 22.70
C PHE D 206 32.25 25.88 23.78
N ARG D 207 31.16 25.26 23.33
CA ARG D 207 29.93 25.02 24.14
C ARG D 207 29.33 23.70 23.67
N CYS D 208 29.25 22.74 24.60
CA CYS D 208 28.51 21.46 24.45
C CYS D 208 27.09 21.68 25.02
N GLN D 209 26.06 21.43 24.22
CA GLN D 209 24.62 21.66 24.56
C GLN D 209 23.86 20.33 24.48
N VAL D 210 23.29 19.89 25.60
CA VAL D 210 22.49 18.64 25.71
C VAL D 210 21.05 19.08 26.06
N GLN D 211 20.21 19.11 25.02
CA GLN D 211 18.72 19.21 25.16
C GLN D 211 18.24 17.90 25.78
N PHE D 212 17.77 17.94 27.02
CA PHE D 212 17.15 16.80 27.74
C PHE D 212 15.61 16.89 27.70
N TYR D 213 14.95 15.77 27.42
CA TYR D 213 13.45 15.63 27.45
C TYR D 213 13.06 14.83 28.70
N GLY D 214 12.31 15.50 29.59
CA GLY D 214 11.87 14.96 30.89
C GLY D 214 10.46 15.38 31.28
N LEU D 215 10.25 15.73 32.54
CA LEU D 215 8.90 16.11 33.04
C LEU D 215 8.53 17.47 32.47
N SER D 216 7.25 17.82 32.58
CA SER D 216 6.66 19.14 32.26
C SER D 216 6.76 19.96 33.53
N GLU D 217 6.87 21.30 33.42
CA GLU D 217 6.72 22.23 34.56
C GLU D 217 5.39 21.96 35.30
N ASN D 218 4.38 21.40 34.62
CA ASN D 218 3.04 21.11 35.18
C ASN D 218 3.04 19.84 36.07
N ASP D 219 4.03 18.95 35.93
CA ASP D 219 4.08 17.65 36.66
C ASP D 219 4.30 17.89 38.15
N GLU D 220 3.63 17.10 39.00
CA GLU D 220 3.74 17.12 40.47
C GLU D 220 5.09 16.49 40.86
N TRP D 221 5.76 17.05 41.88
CA TRP D 221 7.12 16.63 42.31
C TRP D 221 7.27 16.78 43.83
N THR D 222 7.42 15.66 44.54
CA THR D 222 7.51 15.59 46.01
C THR D 222 8.88 15.03 46.41
N GLN D 223 9.94 15.35 45.66
CA GLN D 223 11.32 14.93 45.99
C GLN D 223 12.16 16.18 46.22
N ASP D 224 13.22 16.04 47.01
CA ASP D 224 14.06 17.15 47.51
C ASP D 224 14.89 17.71 46.35
N ARG D 225 15.31 16.86 45.40
CA ARG D 225 16.08 17.32 44.21
C ARG D 225 15.15 18.11 43.27
N ALA D 226 15.73 19.00 42.46
CA ALA D 226 15.02 19.87 41.49
C ALA D 226 14.19 18.99 40.55
N LYS D 227 12.96 19.42 40.22
CA LYS D 227 12.07 18.69 39.28
C LYS D 227 12.82 18.49 37.96
N PRO D 228 12.99 17.24 37.49
CA PRO D 228 13.78 16.93 36.29
C PRO D 228 13.00 17.19 34.98
N VAL D 229 12.70 18.47 34.72
CA VAL D 229 11.90 18.97 33.56
C VAL D 229 12.75 18.93 32.29
N THR D 230 12.09 18.86 31.13
CA THR D 230 12.71 19.22 29.82
C THR D 230 13.62 20.45 30.05
N GLN D 231 14.88 20.38 29.63
CA GLN D 231 15.86 21.47 29.91
C GLN D 231 17.13 21.28 29.08
N ILE D 232 17.80 22.39 28.75
CA ILE D 232 19.14 22.40 28.11
C ILE D 232 20.21 22.49 29.22
N VAL D 233 21.09 21.49 29.33
CA VAL D 233 22.27 21.51 30.23
C VAL D 233 23.54 21.64 29.36
N SER D 234 24.40 22.62 29.66
CA SER D 234 25.58 23.03 28.85
C SER D 234 26.89 23.00 29.66
N ALA D 235 28.02 22.85 28.98
CA ALA D 235 29.38 23.12 29.53
C ALA D 235 30.24 23.78 28.44
N GLU D 236 31.32 24.46 28.85
CA GLU D 236 32.00 25.38 27.91
C GLU D 236 33.51 25.39 28.21
N ALA D 237 34.28 25.70 27.19
CA ALA D 237 35.76 25.83 27.20
C ALA D 237 36.14 27.07 26.38
N TRP D 238 37.12 27.86 26.84
CA TRP D 238 37.74 28.92 26.01
C TRP D 238 39.09 28.43 25.50
N GLY D 239 39.33 28.66 24.21
CA GLY D 239 40.64 28.50 23.56
C GLY D 239 41.68 29.36 24.23
N ARG D 240 42.98 29.02 24.03
CA ARG D 240 44.13 29.74 24.63
C ARG D 240 45.46 29.15 24.14
N ALA D 241 46.53 29.94 24.23
CA ALA D 241 47.90 29.55 23.82
C ALA D 241 48.49 28.53 24.80
N ASP D 242 48.73 28.96 26.06
CA ASP D 242 49.61 28.30 27.06
C ASP D 242 50.99 28.05 26.44
#